data_5ULY
#
_entry.id   5ULY
#
_cell.length_a   65.761
_cell.length_b   147.625
_cell.length_c   77.034
_cell.angle_alpha   90.00
_cell.angle_beta   101.16
_cell.angle_gamma   90.00
#
_symmetry.space_group_name_H-M   'P 1 21 1'
#
loop_
_entity.id
_entity.type
_entity.pdbx_description
1 polymer Protocadherin-15
2 non-polymer 'CALCIUM ION'
3 water water
#
_entity_poly.entity_id   1
_entity_poly.type   'polypeptide(L)'
_entity_poly.pdbx_seq_one_letter_code
;MASNSPTFKHESYYATVNELTPVGTTIFTGFSGDNGATDIDDGPNGQIEYVIQYNPDDPTSNDTFEIPLMLTGNIVLRKR
LNYEDKTRYFVIIQANDRAQNLNERRTTTTTLTVDVLDGDDLGPMFLPCVLVPNTRDCRPLTYQAAIPELRTPEELNPII
VTPPIQAIDQDRNIQPPSDRPGILYSILVGTPEDYPRFFHMHPRTAELSLLEPVNRDFHQKFDLVIKAEQDNGHPLPAFA
GLHIEILDENNLEHHHHHH
;
_entity_poly.pdbx_strand_id   A,B,C,D
#
loop_
_chem_comp.id
_chem_comp.type
_chem_comp.name
_chem_comp.formula
CA non-polymer 'CALCIUM ION' 'Ca 2'
#
# COMPACT_ATOMS: atom_id res chain seq x y z
N THR A 7 37.54 -24.18 -24.22
CA THR A 7 37.30 -25.12 -23.07
C THR A 7 37.13 -24.46 -21.65
N PHE A 8 35.88 -24.24 -21.22
CA PHE A 8 35.52 -23.66 -19.88
C PHE A 8 35.25 -24.69 -18.80
N LYS A 9 35.69 -24.44 -17.57
CA LYS A 9 35.50 -25.41 -16.44
C LYS A 9 34.05 -25.68 -16.01
N HIS A 10 33.17 -24.69 -16.12
CA HIS A 10 31.73 -24.82 -15.74
C HIS A 10 30.93 -24.41 -16.99
N GLU A 11 29.72 -24.92 -17.20
CA GLU A 11 28.91 -24.60 -18.41
C GLU A 11 28.31 -23.20 -18.42
N SER A 12 28.20 -22.60 -17.22
CA SER A 12 27.74 -21.23 -17.04
C SER A 12 28.13 -20.71 -15.65
N TYR A 13 28.10 -19.38 -15.50
CA TYR A 13 28.55 -18.71 -14.31
C TYR A 13 27.50 -17.71 -13.87
N TYR A 14 27.65 -17.23 -12.64
CA TYR A 14 26.66 -16.38 -12.00
C TYR A 14 27.31 -15.30 -11.10
N ALA A 15 26.84 -14.06 -11.24
CA ALA A 15 27.21 -13.00 -10.29
C ALA A 15 26.00 -12.13 -9.90
N THR A 16 26.09 -11.51 -8.73
CA THR A 16 25.14 -10.47 -8.37
C THR A 16 25.89 -9.16 -8.28
N VAL A 17 25.21 -8.06 -8.59
CA VAL A 17 25.78 -6.71 -8.43
C VAL A 17 24.73 -5.73 -7.87
N ASN A 18 25.05 -5.06 -6.76
CA ASN A 18 24.19 -4.03 -6.21
C ASN A 18 24.02 -2.91 -7.25
N GLU A 19 22.79 -2.39 -7.39
CA GLU A 19 22.53 -1.39 -8.44
C GLU A 19 23.26 -0.06 -8.21
N LEU A 20 23.70 0.19 -6.98
CA LEU A 20 24.47 1.39 -6.69
C LEU A 20 25.99 1.30 -7.02
N THR A 21 26.48 0.11 -7.36
CA THR A 21 27.90 -0.11 -7.66
C THR A 21 28.37 0.90 -8.70
N PRO A 22 29.34 1.74 -8.35
CA PRO A 22 29.93 2.66 -9.31
C PRO A 22 30.51 2.00 -10.55
N VAL A 23 30.40 2.72 -11.67
CA VAL A 23 31.13 2.42 -12.90
C VAL A 23 32.61 2.21 -12.56
N GLY A 24 33.24 1.24 -13.19
CA GLY A 24 34.65 0.99 -12.96
C GLY A 24 34.95 -0.12 -11.96
N THR A 25 33.98 -0.47 -11.12
CA THR A 25 34.12 -1.55 -10.17
C THR A 25 34.24 -2.91 -10.89
N THR A 26 35.12 -3.77 -10.37
CA THR A 26 35.24 -5.14 -10.82
C THR A 26 34.18 -5.97 -10.16
N ILE A 27 33.33 -6.64 -10.92
CA ILE A 27 32.12 -7.34 -10.41
C ILE A 27 32.10 -8.86 -10.54
N PHE A 28 33.13 -9.42 -11.20
CA PHE A 28 33.27 -10.88 -11.30
C PHE A 28 34.73 -11.21 -11.56
N THR A 29 35.27 -12.14 -10.78
CA THR A 29 36.67 -12.54 -10.85
C THR A 29 36.87 -14.04 -11.09
N GLY A 30 35.77 -14.74 -11.38
CA GLY A 30 35.73 -16.18 -11.32
C GLY A 30 36.38 -16.92 -12.47
N PHE A 31 36.98 -16.21 -13.42
CA PHE A 31 37.88 -16.82 -14.38
C PHE A 31 39.33 -16.82 -13.90
N SER A 32 39.62 -16.12 -12.82
CA SER A 32 41.01 -15.78 -12.45
C SER A 32 41.87 -16.89 -11.88
N GLY A 33 41.40 -17.72 -10.94
CA GLY A 33 42.27 -18.75 -10.33
C GLY A 33 42.39 -20.12 -10.98
N ASP A 34 42.58 -20.20 -12.31
CA ASP A 34 42.43 -21.45 -13.12
C ASP A 34 40.97 -21.97 -13.27
N ASN A 35 40.00 -21.10 -12.96
CA ASN A 35 38.57 -21.43 -12.93
C ASN A 35 37.79 -21.05 -14.26
N GLY A 36 38.54 -20.67 -15.31
CA GLY A 36 38.03 -20.30 -16.61
C GLY A 36 38.38 -21.27 -17.73
N ALA A 37 39.51 -21.08 -18.41
CA ALA A 37 39.79 -21.81 -19.68
C ALA A 37 41.18 -22.41 -19.80
N THR A 38 41.29 -23.68 -20.23
CA THR A 38 42.60 -24.38 -20.47
C THR A 38 42.34 -25.66 -21.26
N GLN A 47 49.40 -17.92 -23.04
CA GLN A 47 48.37 -16.89 -22.98
C GLN A 47 46.96 -17.43 -23.22
N ILE A 48 45.98 -16.66 -22.74
CA ILE A 48 44.52 -16.92 -22.98
C ILE A 48 43.67 -15.63 -22.86
N GLU A 49 42.98 -15.29 -23.94
CA GLU A 49 42.47 -13.89 -24.18
C GLU A 49 40.92 -13.91 -24.01
N TYR A 50 40.39 -13.23 -22.98
CA TYR A 50 38.91 -13.11 -22.75
C TYR A 50 38.33 -11.81 -23.31
N VAL A 51 37.29 -11.92 -24.13
CA VAL A 51 36.58 -10.74 -24.70
C VAL A 51 35.04 -10.94 -24.67
N ILE A 52 34.31 -9.86 -24.52
CA ILE A 52 32.83 -9.92 -24.45
C ILE A 52 32.20 -9.81 -25.84
N GLN A 53 31.26 -10.72 -26.14
CA GLN A 53 30.54 -10.73 -27.42
C GLN A 53 29.21 -9.99 -27.31
N TYR A 54 28.81 -9.39 -28.40
CA TYR A 54 27.43 -8.95 -28.53
C TYR A 54 26.53 -10.19 -28.42
N ASN A 55 25.56 -10.12 -27.51
CA ASN A 55 24.55 -11.14 -27.34
C ASN A 55 23.25 -10.72 -28.05
N PRO A 56 22.90 -11.35 -29.20
CA PRO A 56 21.64 -10.97 -29.91
C PRO A 56 20.38 -11.01 -29.01
N ASP A 57 20.31 -11.99 -28.12
CA ASP A 57 19.17 -12.17 -27.20
C ASP A 57 19.13 -11.17 -26.04
N ASP A 58 20.25 -10.54 -25.72
CA ASP A 58 20.36 -9.46 -24.69
C ASP A 58 21.30 -8.32 -25.14
N PRO A 59 20.82 -7.47 -26.06
CA PRO A 59 21.75 -6.54 -26.79
C PRO A 59 22.53 -5.57 -25.89
N THR A 60 21.90 -5.11 -24.82
CA THR A 60 22.56 -4.14 -23.92
C THR A 60 23.58 -4.74 -22.95
N SER A 61 23.77 -6.05 -22.89
CA SER A 61 24.78 -6.63 -21.95
C SER A 61 26.22 -6.29 -22.25
N ASN A 62 26.61 -6.28 -23.51
CA ASN A 62 27.98 -5.90 -23.90
C ASN A 62 28.29 -4.37 -23.73
N ASP A 63 27.24 -3.54 -23.70
CA ASP A 63 27.35 -2.10 -23.33
C ASP A 63 27.49 -1.91 -21.83
N THR A 64 26.89 -2.78 -21.03
CA THR A 64 26.88 -2.63 -19.57
C THR A 64 28.12 -3.24 -18.87
N PHE A 65 28.76 -4.23 -19.48
CA PHE A 65 29.95 -4.90 -18.88
C PHE A 65 31.13 -4.99 -19.85
N GLU A 66 32.34 -4.92 -19.31
CA GLU A 66 33.58 -4.93 -20.10
C GLU A 66 34.69 -5.73 -19.44
N ILE A 67 35.60 -6.24 -20.27
CA ILE A 67 36.85 -6.85 -19.78
C ILE A 67 38.00 -5.96 -20.24
N PRO A 68 38.51 -5.07 -19.36
CA PRO A 68 39.56 -4.13 -19.80
C PRO A 68 40.94 -4.79 -19.97
N LEU A 69 41.28 -5.74 -19.10
CA LEU A 69 42.49 -6.52 -19.19
C LEU A 69 42.16 -7.90 -19.74
N MET A 70 42.39 -8.05 -21.05
CA MET A 70 41.95 -9.25 -21.80
C MET A 70 42.56 -10.56 -21.26
N LEU A 71 43.77 -10.49 -20.70
CA LEU A 71 44.47 -11.67 -20.14
C LEU A 71 43.95 -12.20 -18.76
N THR A 72 43.33 -11.37 -17.92
CA THR A 72 42.82 -11.83 -16.60
C THR A 72 41.32 -12.22 -16.59
N GLY A 73 40.58 -11.70 -17.57
CA GLY A 73 39.17 -12.04 -17.73
C GLY A 73 38.22 -11.50 -16.66
N ASN A 74 38.67 -10.49 -15.92
CA ASN A 74 37.84 -9.88 -14.89
C ASN A 74 36.87 -8.92 -15.55
N ILE A 75 35.65 -8.92 -15.00
CA ILE A 75 34.57 -8.12 -15.57
C ILE A 75 34.28 -6.91 -14.70
N VAL A 76 34.21 -5.77 -15.36
CA VAL A 76 34.13 -4.46 -14.76
C VAL A 76 32.82 -3.85 -15.26
N LEU A 77 32.12 -3.15 -14.36
CA LEU A 77 30.86 -2.52 -14.74
C LEU A 77 31.15 -1.29 -15.55
N ARG A 78 30.50 -1.15 -16.70
CA ARG A 78 30.77 -0.06 -17.66
C ARG A 78 29.69 1.05 -17.74
N LYS A 79 28.44 0.69 -17.47
CA LYS A 79 27.33 1.63 -17.35
C LYS A 79 26.71 1.50 -15.98
N ARG A 80 26.06 2.57 -15.58
CA ARG A 80 25.32 2.59 -14.34
C ARG A 80 24.05 1.77 -14.45
N LEU A 81 23.81 0.94 -13.44
CA LEU A 81 22.65 0.04 -13.42
C LEU A 81 21.39 0.71 -12.89
N ASN A 82 20.25 0.12 -13.20
CA ASN A 82 18.96 0.61 -12.68
C ASN A 82 17.99 -0.55 -12.55
N TYR A 83 17.87 -1.04 -11.32
CA TYR A 83 16.92 -2.11 -10.96
C TYR A 83 15.54 -1.89 -11.53
N GLU A 84 15.07 -0.65 -11.56
CA GLU A 84 13.75 -0.35 -12.11
C GLU A 84 13.62 -0.61 -13.64
N ASP A 85 14.72 -0.54 -14.39
CA ASP A 85 14.71 -0.75 -15.85
C ASP A 85 15.06 -2.17 -16.25
N LYS A 86 16.02 -2.78 -15.55
CA LYS A 86 16.49 -4.11 -15.90
C LYS A 86 17.22 -4.78 -14.73
N THR A 87 16.83 -6.03 -14.43
CA THR A 87 17.41 -6.79 -13.32
C THR A 87 18.30 -7.96 -13.67
N ARG A 88 18.34 -8.39 -14.93
CA ARG A 88 19.13 -9.54 -15.36
C ARG A 88 19.85 -9.33 -16.69
N TYR A 89 21.11 -9.72 -16.72
CA TYR A 89 21.94 -9.58 -17.91
C TYR A 89 22.50 -10.93 -18.25
N PHE A 90 22.51 -11.24 -19.53
CA PHE A 90 23.18 -12.43 -20.04
C PHE A 90 24.40 -11.94 -20.80
N VAL A 91 25.56 -12.15 -20.20
CA VAL A 91 26.83 -11.70 -20.77
C VAL A 91 27.51 -12.89 -21.43
N ILE A 92 27.73 -12.78 -22.74
CA ILE A 92 28.48 -13.83 -23.44
C ILE A 92 29.98 -13.49 -23.39
N ILE A 93 30.79 -14.38 -22.81
CA ILE A 93 32.24 -14.21 -22.82
C ILE A 93 32.87 -15.28 -23.69
N GLN A 94 33.78 -14.86 -24.57
CA GLN A 94 34.51 -15.73 -25.51
C GLN A 94 35.99 -15.83 -25.05
N ALA A 95 36.59 -17.00 -25.23
CA ALA A 95 38.03 -17.22 -24.96
C ALA A 95 38.80 -17.71 -26.23
N ASN A 96 39.99 -17.16 -26.47
CA ASN A 96 40.87 -17.44 -27.66
C ASN A 96 42.26 -17.52 -27.10
N THR A 107 38.26 -21.61 -30.30
CA THR A 107 37.81 -20.61 -29.36
C THR A 107 36.40 -21.06 -28.83
N THR A 108 35.96 -20.57 -27.66
CA THR A 108 34.79 -21.13 -26.94
C THR A 108 34.07 -20.08 -26.05
N THR A 109 32.74 -20.09 -26.06
CA THR A 109 31.96 -19.12 -25.35
C THR A 109 31.35 -19.70 -24.07
N THR A 110 30.95 -18.81 -23.16
CA THR A 110 30.12 -19.17 -22.01
C THR A 110 29.25 -17.96 -21.64
N THR A 111 28.17 -18.25 -20.92
CA THR A 111 27.21 -17.26 -20.50
C THR A 111 27.40 -16.97 -19.02
N LEU A 112 27.64 -15.70 -18.70
CA LEU A 112 27.58 -15.20 -17.32
C LEU A 112 26.23 -14.53 -17.10
N THR A 113 25.41 -15.12 -16.24
CA THR A 113 24.16 -14.49 -15.82
C THR A 113 24.45 -13.51 -14.69
N VAL A 114 24.06 -12.26 -14.85
CA VAL A 114 24.26 -11.25 -13.81
C VAL A 114 22.93 -10.70 -13.30
N ASP A 115 22.62 -10.96 -12.02
CA ASP A 115 21.41 -10.38 -11.38
C ASP A 115 21.74 -9.10 -10.67
N VAL A 116 21.00 -8.05 -10.97
CA VAL A 116 21.09 -6.78 -10.25
C VAL A 116 20.30 -6.87 -8.92
N LEU A 117 20.95 -6.48 -7.82
CA LEU A 117 20.27 -6.44 -6.52
C LEU A 117 19.77 -5.03 -6.30
N ASP A 118 18.52 -4.92 -5.83
CA ASP A 118 17.87 -3.62 -5.60
C ASP A 118 18.66 -2.89 -4.51
N GLY A 119 19.02 -1.63 -4.79
CA GLY A 119 19.72 -0.75 -3.85
C GLY A 119 18.86 0.44 -3.47
N ASP A 120 19.23 1.04 -2.33
CA ASP A 120 18.52 2.18 -1.76
C ASP A 120 18.88 3.51 -2.47
N ASP A 121 18.28 3.69 -3.64
CA ASP A 121 18.44 4.91 -4.44
C ASP A 121 17.17 5.70 -4.55
N LEU A 122 16.06 5.16 -4.01
CA LEU A 122 14.77 5.87 -3.93
C LEU A 122 14.25 5.95 -2.50
N GLY A 123 13.48 6.98 -2.25
CA GLY A 123 12.85 7.24 -0.98
C GLY A 123 11.43 6.78 -1.00
N PRO A 124 10.62 7.15 0.00
CA PRO A 124 9.23 6.71 0.03
C PRO A 124 8.30 7.36 -1.01
N MET A 125 7.10 6.80 -1.10
CA MET A 125 5.98 7.39 -1.79
C MET A 125 4.73 7.26 -0.91
N PHE A 126 3.91 8.31 -0.88
CA PHE A 126 2.62 8.26 -0.20
C PHE A 126 1.60 7.48 -1.02
N LEU A 127 0.67 6.84 -0.33
CA LEU A 127 -0.33 5.98 -0.91
C LEU A 127 -1.69 6.62 -0.66
N PRO A 128 -2.62 6.45 -1.59
CA PRO A 128 -2.43 5.73 -2.88
C PRO A 128 -1.54 6.48 -3.86
N CYS A 129 -0.81 5.72 -4.68
CA CYS A 129 0.02 6.25 -5.75
C CYS A 129 -0.60 5.83 -7.07
N VAL A 130 -1.32 6.76 -7.67
CA VAL A 130 -1.91 6.60 -9.00
C VAL A 130 -0.96 7.29 -9.95
N LEU A 131 -0.39 6.55 -10.90
CA LEU A 131 0.60 7.15 -11.79
C LEU A 131 -0.03 8.21 -12.70
N VAL A 132 0.67 9.34 -12.84
CA VAL A 132 0.31 10.35 -13.84
C VAL A 132 0.55 9.78 -15.27
N PRO A 133 -0.47 9.83 -16.15
CA PRO A 133 -0.27 9.23 -17.48
C PRO A 133 1.08 9.64 -18.13
N ASN A 134 1.81 8.63 -18.61
CA ASN A 134 3.10 8.77 -19.31
C ASN A 134 4.27 9.25 -18.47
N THR A 135 4.23 8.94 -17.18
CA THR A 135 5.31 9.28 -16.27
C THR A 135 5.52 8.10 -15.37
N ARG A 136 6.58 8.12 -14.57
CA ARG A 136 6.68 7.22 -13.43
C ARG A 136 6.36 7.96 -12.08
N ASP A 137 5.60 9.05 -12.14
CA ASP A 137 5.41 9.91 -10.97
C ASP A 137 4.03 9.71 -10.38
N CYS A 138 3.92 9.57 -9.07
CA CYS A 138 2.58 9.53 -8.43
C CYS A 138 1.88 10.87 -8.61
N ARG A 139 0.61 10.82 -8.95
CA ARG A 139 -0.22 12.00 -8.87
C ARG A 139 -0.17 12.55 -7.43
N PRO A 140 0.11 13.85 -7.26
CA PRO A 140 0.11 14.47 -5.94
C PRO A 140 -1.17 14.25 -5.18
N LEU A 141 -1.01 14.14 -3.87
CA LEU A 141 -2.04 13.80 -2.96
C LEU A 141 -2.33 14.96 -2.06
N THR A 142 -3.62 15.23 -1.87
CA THR A 142 -4.03 16.03 -0.73
C THR A 142 -4.94 15.21 0.17
N TYR A 143 -4.40 14.75 1.28
CA TYR A 143 -5.19 14.06 2.30
C TYR A 143 -6.23 15.05 2.90
N GLN A 144 -7.38 14.54 3.36
CA GLN A 144 -8.45 15.39 3.91
C GLN A 144 -8.89 14.95 5.31
N ALA A 145 -9.17 15.92 6.16
CA ALA A 145 -9.77 15.67 7.46
C ALA A 145 -10.72 16.77 7.76
N ALA A 146 -11.69 16.49 8.64
CA ALA A 146 -12.68 17.51 9.06
C ALA A 146 -13.00 17.37 10.55
N ILE A 147 -12.74 18.42 11.32
CA ILE A 147 -12.92 18.37 12.77
C ILE A 147 -14.08 19.25 13.22
N PRO A 148 -15.03 18.67 13.97
CA PRO A 148 -16.03 19.58 14.61
C PRO A 148 -15.41 20.51 15.63
N GLU A 149 -15.89 21.75 15.60
CA GLU A 149 -15.50 22.76 16.57
C GLU A 149 -16.01 22.40 17.96
N LEU A 150 -15.23 22.85 18.95
CA LEU A 150 -15.57 22.85 20.37
C LEU A 150 -15.65 21.47 20.98
N ARG A 151 -15.08 20.47 20.33
CA ARG A 151 -15.06 19.12 20.86
C ARG A 151 -13.64 18.80 21.26
N THR A 152 -13.52 17.98 22.29
CA THR A 152 -12.25 17.73 22.97
C THR A 152 -11.42 16.70 22.19
N PRO A 153 -10.08 16.74 22.33
CA PRO A 153 -9.23 15.64 21.87
C PRO A 153 -9.74 14.29 22.30
N GLU A 154 -10.14 14.22 23.57
CA GLU A 154 -10.71 13.04 24.17
C GLU A 154 -11.83 12.43 23.30
N GLU A 155 -12.75 13.24 22.77
CA GLU A 155 -13.84 12.69 21.94
C GLU A 155 -13.52 12.45 20.47
N LEU A 156 -12.47 13.04 19.92
CA LEU A 156 -12.22 12.97 18.48
C LEU A 156 -11.03 12.13 18.06
N ASN A 157 -10.08 11.89 18.94
CA ASN A 157 -8.80 11.33 18.53
C ASN A 157 -8.94 9.84 18.42
N PRO A 158 -8.22 9.18 17.50
CA PRO A 158 -7.35 9.82 16.48
C PRO A 158 -8.21 10.45 15.38
N ILE A 159 -7.73 11.51 14.76
CA ILE A 159 -8.48 12.17 13.70
C ILE A 159 -8.46 11.34 12.42
N ILE A 160 -9.64 11.17 11.83
CA ILE A 160 -9.79 10.38 10.64
C ILE A 160 -9.35 11.16 9.41
N VAL A 161 -8.35 10.64 8.73
CA VAL A 161 -7.85 11.17 7.47
C VAL A 161 -8.27 10.25 6.30
N THR A 162 -8.62 10.86 5.17
CA THR A 162 -9.18 10.19 3.98
C THR A 162 -8.35 10.56 2.75
N PRO A 163 -7.84 9.60 1.98
CA PRO A 163 -7.55 8.24 2.46
C PRO A 163 -6.55 8.30 3.64
N PRO A 164 -6.27 7.17 4.30
CA PRO A 164 -5.33 7.21 5.44
C PRO A 164 -3.89 7.55 5.03
N ILE A 165 -3.20 8.29 5.86
CA ILE A 165 -1.86 8.71 5.62
C ILE A 165 -0.98 7.51 5.86
N GLN A 166 -0.04 7.31 4.92
CA GLN A 166 0.61 6.03 4.75
C GLN A 166 1.64 6.14 3.63
N ALA A 167 2.87 5.70 3.85
CA ALA A 167 3.90 5.74 2.82
C ALA A 167 4.67 4.42 2.79
N ILE A 168 5.24 4.07 1.64
CA ILE A 168 6.13 2.90 1.54
C ILE A 168 7.33 3.21 0.69
N ASP A 169 8.40 2.48 0.87
CA ASP A 169 9.66 2.62 0.07
C ASP A 169 9.36 2.42 -1.44
N GLN A 170 9.87 3.27 -2.30
CA GLN A 170 9.75 3.01 -3.73
C GLN A 170 10.64 1.85 -4.14
N ASP A 171 11.66 1.56 -3.34
CA ASP A 171 12.48 0.39 -3.55
C ASP A 171 11.70 -0.82 -3.03
N ARG A 172 11.17 -1.62 -3.95
CA ARG A 172 10.24 -2.68 -3.63
C ARG A 172 10.89 -4.00 -3.24
N ASN A 173 12.17 -4.21 -3.55
CA ASN A 173 12.82 -5.50 -3.29
C ASN A 173 14.22 -5.43 -2.61
N ILE A 174 14.38 -4.54 -1.64
CA ILE A 174 15.60 -4.48 -0.86
C ILE A 174 15.80 -5.79 -0.11
N GLN A 175 17.01 -6.36 -0.21
CA GLN A 175 17.37 -7.62 0.51
C GLN A 175 18.67 -7.40 1.24
N PRO A 176 18.88 -7.96 2.44
CA PRO A 176 17.87 -8.68 3.22
C PRO A 176 16.86 -7.70 3.82
N PRO A 177 15.74 -8.21 4.39
CA PRO A 177 14.76 -7.27 5.03
C PRO A 177 15.32 -6.37 6.17
N SER A 178 16.29 -6.84 6.95
CA SER A 178 16.94 -6.02 7.99
C SER A 178 17.65 -4.77 7.44
N ASP A 179 17.93 -4.71 6.14
CA ASP A 179 18.49 -3.49 5.51
C ASP A 179 17.43 -2.44 5.15
N ARG A 180 16.14 -2.73 5.33
CA ARG A 180 15.12 -1.79 4.90
C ARG A 180 14.99 -0.66 5.92
N PRO A 181 15.01 0.60 5.46
CA PRO A 181 14.84 1.68 6.41
C PRO A 181 13.41 1.74 6.95
N GLY A 182 13.24 2.41 8.09
CA GLY A 182 11.93 2.78 8.59
C GLY A 182 11.53 4.12 8.03
N ILE A 183 10.28 4.47 8.19
CA ILE A 183 9.79 5.69 7.59
C ILE A 183 9.32 6.62 8.71
N LEU A 184 9.71 7.90 8.58
CA LEU A 184 9.40 8.91 9.56
C LEU A 184 8.50 9.96 8.92
N TYR A 185 7.34 10.16 9.58
CA TYR A 185 6.30 11.06 9.11
C TYR A 185 6.40 12.31 9.94
N SER A 186 6.15 13.46 9.34
CA SER A 186 6.11 14.73 10.07
C SER A 186 5.31 15.78 9.32
N ILE A 187 4.91 16.80 10.05
CA ILE A 187 4.30 17.98 9.47
C ILE A 187 5.44 18.94 9.23
N LEU A 188 5.68 19.25 7.97
CA LEU A 188 6.85 20.05 7.60
C LEU A 188 6.59 21.52 7.84
N VAL A 189 5.48 21.99 7.30
CA VAL A 189 5.11 23.39 7.23
C VAL A 189 3.59 23.47 7.24
N GLY A 190 3.04 24.64 7.57
CA GLY A 190 1.61 24.77 7.53
C GLY A 190 1.12 26.15 7.72
N THR A 191 -0.12 26.37 7.30
CA THR A 191 -0.78 27.68 7.45
C THR A 191 -2.22 27.49 7.92
N PRO A 192 -2.73 28.26 8.87
CA PRO A 192 -2.00 29.29 9.62
C PRO A 192 -0.88 28.76 10.52
N GLU A 193 0.02 29.63 10.91
CA GLU A 193 1.33 29.26 11.50
C GLU A 193 1.23 28.61 12.89
N ASP A 194 0.08 28.79 13.60
CA ASP A 194 -0.13 28.21 14.93
C ASP A 194 -0.70 26.77 14.96
N TYR A 195 -0.60 26.06 13.83
CA TYR A 195 -0.98 24.66 13.74
C TYR A 195 -0.31 23.73 14.78
N PRO A 196 0.96 23.97 15.17
CA PRO A 196 1.53 23.03 16.14
C PRO A 196 0.86 23.01 17.49
N ARG A 197 0.19 24.10 17.81
CA ARG A 197 -0.65 24.17 19.00
C ARG A 197 -1.83 23.19 19.01
N PHE A 198 -2.37 22.89 17.83
CA PHE A 198 -3.56 22.04 17.67
C PHE A 198 -3.33 20.63 17.15
N PHE A 199 -2.24 20.38 16.42
CA PHE A 199 -2.04 19.06 15.79
C PHE A 199 -0.69 18.45 16.07
N HIS A 200 -0.66 17.14 16.31
CA HIS A 200 0.56 16.39 16.51
C HIS A 200 0.47 15.20 15.57
N MET A 201 1.56 14.93 14.83
CA MET A 201 1.66 13.73 14.01
C MET A 201 2.64 12.74 14.63
N HIS A 202 2.24 11.46 14.76
CA HIS A 202 3.14 10.46 15.30
C HIS A 202 4.22 10.19 14.21
N PRO A 203 5.49 10.19 14.62
CA PRO A 203 6.56 10.02 13.60
C PRO A 203 6.59 8.66 12.90
N ARG A 204 6.06 7.62 13.54
CA ARG A 204 6.11 6.26 12.98
C ARG A 204 4.81 5.75 12.38
N THR A 205 3.67 6.14 12.96
CA THR A 205 2.35 5.72 12.47
C THR A 205 1.62 6.75 11.60
N ALA A 206 2.07 8.00 11.58
CA ALA A 206 1.32 9.08 10.92
C ALA A 206 -0.03 9.41 11.54
N GLU A 207 -0.32 8.88 12.76
CA GLU A 207 -1.56 9.13 13.40
C GLU A 207 -1.64 10.62 13.74
N LEU A 208 -2.75 11.25 13.45
CA LEU A 208 -2.91 12.69 13.66
C LEU A 208 -3.75 12.89 14.94
N SER A 209 -3.29 13.75 15.84
CA SER A 209 -4.00 14.02 17.11
C SER A 209 -4.36 15.50 17.26
N LEU A 210 -5.61 15.75 17.62
CA LEU A 210 -5.98 17.07 18.07
C LEU A 210 -5.45 17.23 19.49
N LEU A 211 -4.83 18.37 19.80
CA LEU A 211 -4.27 18.66 21.11
C LEU A 211 -5.15 19.57 21.99
N GLU A 212 -6.14 20.21 21.40
CA GLU A 212 -6.90 21.27 22.03
C GLU A 212 -8.17 21.49 21.21
N PRO A 213 -9.30 21.76 21.86
CA PRO A 213 -10.49 22.12 21.08
C PRO A 213 -10.25 23.28 20.15
N VAL A 214 -10.91 23.25 19.00
CA VAL A 214 -10.82 24.35 18.03
C VAL A 214 -12.10 25.15 18.04
N ASN A 215 -11.97 26.48 18.06
CA ASN A 215 -13.10 27.41 17.99
C ASN A 215 -13.09 28.01 16.58
N ARG A 216 -14.20 27.85 15.87
CA ARG A 216 -14.30 28.27 14.49
C ARG A 216 -14.29 29.78 14.28
N ASP A 217 -14.56 30.52 15.33
CA ASP A 217 -14.39 31.98 15.30
C ASP A 217 -12.91 32.38 15.13
N PHE A 218 -11.96 31.56 15.59
CA PHE A 218 -10.53 31.86 15.44
C PHE A 218 -9.79 31.02 14.33
N HIS A 219 -10.29 29.82 14.02
CA HIS A 219 -9.66 28.93 13.04
C HIS A 219 -10.70 28.21 12.21
N GLN A 220 -10.69 28.48 10.91
CA GLN A 220 -11.64 27.89 9.98
C GLN A 220 -11.08 26.70 9.17
N LYS A 221 -9.79 26.70 8.92
CA LYS A 221 -9.13 25.67 8.08
C LYS A 221 -7.62 25.65 8.29
N PHE A 222 -7.00 24.50 8.13
CA PHE A 222 -5.54 24.36 8.17
C PHE A 222 -5.06 23.71 6.89
N ASP A 223 -3.96 24.20 6.32
CA ASP A 223 -3.37 23.61 5.08
C ASP A 223 -1.94 23.25 5.38
N LEU A 224 -1.69 21.96 5.57
CA LEU A 224 -0.38 21.48 5.98
C LEU A 224 0.38 20.73 4.83
N VAL A 225 1.71 20.72 4.89
CA VAL A 225 2.50 19.86 4.05
C VAL A 225 3.11 18.79 4.96
N ILE A 226 2.87 17.53 4.60
CA ILE A 226 3.34 16.35 5.30
C ILE A 226 4.56 15.78 4.57
N LYS A 227 5.52 15.28 5.33
CA LYS A 227 6.73 14.66 4.80
C LYS A 227 6.88 13.23 5.28
N ALA A 228 7.30 12.36 4.36
CA ALA A 228 7.67 10.99 4.66
C ALA A 228 9.08 10.79 4.19
N GLU A 229 9.98 10.39 5.09
CA GLU A 229 11.38 10.18 4.76
C GLU A 229 11.96 8.95 5.41
N GLN A 230 13.09 8.49 4.89
CA GLN A 230 13.77 7.32 5.41
C GLN A 230 14.56 7.70 6.69
N ASP A 231 14.61 6.79 7.65
CA ASP A 231 15.38 7.00 8.91
C ASP A 231 16.86 6.60 8.88
N ASN A 232 17.42 6.29 7.71
CA ASN A 232 18.77 5.68 7.60
C ASN A 232 19.89 6.65 7.24
N GLY A 233 19.66 7.97 7.41
CA GLY A 233 20.61 8.98 6.94
C GLY A 233 20.50 9.37 5.48
N HIS A 234 19.59 8.75 4.71
CA HIS A 234 19.36 9.06 3.30
C HIS A 234 17.85 9.32 3.14
N PRO A 235 17.40 10.48 3.65
CA PRO A 235 15.96 10.76 3.77
C PRO A 235 15.14 10.59 2.49
N LEU A 236 15.61 11.19 1.40
CA LEU A 236 14.96 11.14 0.07
C LEU A 236 13.43 11.33 0.21
N PRO A 237 13.03 12.44 0.81
CA PRO A 237 11.64 12.60 1.24
C PRO A 237 10.60 12.72 0.12
N ALA A 238 9.41 12.23 0.39
CA ALA A 238 8.18 12.52 -0.33
C ALA A 238 7.30 13.52 0.47
N PHE A 239 6.45 14.25 -0.24
CA PHE A 239 5.62 15.28 0.36
C PHE A 239 4.17 15.13 -0.10
N ALA A 240 3.23 15.47 0.77
CA ALA A 240 1.82 15.48 0.43
C ALA A 240 1.12 16.59 1.16
N GLY A 241 -0.04 16.97 0.66
CA GLY A 241 -0.84 17.97 1.33
C GLY A 241 -1.77 17.31 2.35
N LEU A 242 -2.10 18.05 3.41
CA LEU A 242 -3.16 17.67 4.35
C LEU A 242 -4.05 18.91 4.59
N HIS A 243 -5.27 18.88 4.11
CA HIS A 243 -6.23 19.97 4.34
C HIS A 243 -7.15 19.55 5.47
N ILE A 244 -7.32 20.43 6.45
CA ILE A 244 -8.21 20.15 7.60
C ILE A 244 -9.30 21.21 7.67
N GLU A 245 -10.57 20.83 7.51
CA GLU A 245 -11.71 21.75 7.63
C GLU A 245 -12.20 21.74 9.07
N ILE A 246 -12.65 22.89 9.55
CA ILE A 246 -13.25 22.98 10.87
C ILE A 246 -14.74 23.25 10.71
N LEU A 247 -15.59 22.31 11.14
CA LEU A 247 -17.06 22.37 10.96
C LEU A 247 -17.81 22.94 12.18
N ASP A 248 -19.12 23.18 12.05
CA ASP A 248 -20.05 23.48 13.20
C ASP A 248 -20.34 22.38 14.20
N HIS B 10 -53.82 -18.80 17.18
CA HIS B 10 -52.76 -19.79 16.84
C HIS B 10 -51.89 -20.15 18.07
N GLU B 11 -51.57 -21.45 18.23
CA GLU B 11 -50.74 -21.93 19.38
C GLU B 11 -49.27 -21.55 19.30
N SER B 12 -48.79 -21.22 18.10
CA SER B 12 -47.41 -20.72 17.90
C SER B 12 -47.26 -20.00 16.57
N TYR B 13 -46.21 -19.20 16.46
CA TYR B 13 -45.98 -18.36 15.29
C TYR B 13 -44.55 -18.52 14.80
N TYR B 14 -44.32 -18.01 13.60
CA TYR B 14 -43.07 -18.24 12.90
C TYR B 14 -42.63 -17.02 12.05
N ALA B 15 -41.37 -16.63 12.17
CA ALA B 15 -40.81 -15.61 11.26
C ALA B 15 -39.38 -15.96 10.82
N THR B 16 -39.00 -15.46 9.65
CA THR B 16 -37.60 -15.58 9.21
C THR B 16 -37.02 -14.19 9.13
N VAL B 17 -35.74 -14.06 9.39
CA VAL B 17 -35.01 -12.78 9.27
C VAL B 17 -33.61 -13.00 8.68
N ASN B 18 -33.29 -12.32 7.56
CA ASN B 18 -31.94 -12.35 7.00
C ASN B 18 -30.96 -11.83 8.03
N GLU B 19 -29.80 -12.49 8.15
CA GLU B 19 -28.82 -12.11 9.19
C GLU B 19 -28.24 -10.70 8.99
N LEU B 20 -28.33 -10.16 7.78
CA LEU B 20 -27.88 -8.81 7.49
C LEU B 20 -28.87 -7.69 7.88
N THR B 21 -30.11 -8.05 8.23
CA THR B 21 -31.15 -7.07 8.58
C THR B 21 -30.64 -6.12 9.64
N PRO B 22 -30.60 -4.82 9.34
CA PRO B 22 -30.23 -3.80 10.32
C PRO B 22 -31.08 -3.82 11.59
N VAL B 23 -30.45 -3.50 12.72
CA VAL B 23 -31.11 -3.19 13.98
C VAL B 23 -32.18 -2.14 13.70
N GLY B 24 -33.31 -2.27 14.38
CA GLY B 24 -34.40 -1.29 14.24
C GLY B 24 -35.47 -1.74 13.27
N THR B 25 -35.17 -2.72 12.41
CA THR B 25 -36.14 -3.22 11.46
C THR B 25 -37.28 -3.97 12.21
N THR B 26 -38.50 -3.78 11.73
CA THR B 26 -39.66 -4.51 12.25
C THR B 26 -39.67 -5.86 11.53
N ILE B 27 -39.65 -6.96 12.27
CA ILE B 27 -39.48 -8.31 11.69
C ILE B 27 -40.69 -9.26 11.84
N PHE B 28 -41.72 -8.82 12.56
CA PHE B 28 -42.96 -9.59 12.69
C PHE B 28 -44.12 -8.66 13.04
N THR B 29 -45.21 -8.78 12.28
CA THR B 29 -46.39 -7.92 12.45
C THR B 29 -47.66 -8.74 12.66
N GLY B 30 -47.51 -10.04 12.89
CA GLY B 30 -48.63 -10.97 12.85
C GLY B 30 -49.57 -10.95 14.04
N PHE B 31 -49.33 -10.10 15.04
CA PHE B 31 -50.33 -9.83 16.04
C PHE B 31 -51.22 -8.63 15.66
N SER B 32 -50.87 -7.89 14.60
CA SER B 32 -51.66 -6.78 14.09
C SER B 32 -52.78 -7.45 13.22
N GLN B 47 -58.29 -3.32 24.90
CA GLN B 47 -57.10 -3.77 24.18
C GLN B 47 -56.23 -4.78 24.96
N ILE B 48 -55.24 -5.30 24.26
CA ILE B 48 -54.24 -6.25 24.70
C ILE B 48 -52.86 -5.59 24.81
N GLU B 49 -52.16 -5.89 25.92
CA GLU B 49 -50.76 -5.43 26.21
C GLU B 49 -49.76 -6.59 25.88
N TYR B 50 -48.91 -6.43 24.87
CA TYR B 50 -47.93 -7.50 24.48
C TYR B 50 -46.53 -7.20 25.02
N VAL B 51 -45.95 -8.13 25.79
CA VAL B 51 -44.61 -7.94 26.34
C VAL B 51 -43.79 -9.23 26.23
N ILE B 52 -42.48 -9.08 26.04
CA ILE B 52 -41.59 -10.21 25.84
C ILE B 52 -41.04 -10.70 27.20
N GLN B 53 -41.10 -12.03 27.42
CA GLN B 53 -40.63 -12.64 28.65
C GLN B 53 -39.22 -13.15 28.46
N TYR B 54 -38.44 -13.11 29.55
CA TYR B 54 -37.22 -13.85 29.62
C TYR B 54 -37.58 -15.33 29.45
N ASN B 55 -36.93 -15.98 28.49
CA ASN B 55 -37.11 -17.41 28.21
C ASN B 55 -35.90 -18.14 28.84
N PRO B 56 -36.12 -18.89 29.96
CA PRO B 56 -34.97 -19.59 30.59
C PRO B 56 -34.20 -20.52 29.64
N ASP B 57 -34.94 -21.19 28.75
CA ASP B 57 -34.37 -22.13 27.77
C ASP B 57 -33.63 -21.48 26.61
N ASP B 58 -33.92 -20.19 26.33
CA ASP B 58 -33.20 -19.37 25.31
C ASP B 58 -32.93 -17.93 25.82
N PRO B 59 -31.94 -17.78 26.72
CA PRO B 59 -31.82 -16.52 27.51
C PRO B 59 -31.65 -15.23 26.67
N THR B 60 -30.90 -15.36 25.57
CA THR B 60 -30.56 -14.29 24.66
C THR B 60 -31.73 -13.75 23.82
N SER B 61 -32.88 -14.45 23.74
CA SER B 61 -33.96 -14.01 22.84
C SER B 61 -34.63 -12.68 23.21
N ASN B 62 -34.86 -12.45 24.49
CA ASN B 62 -35.43 -11.18 24.95
C ASN B 62 -34.47 -9.95 24.84
N ASP B 63 -33.16 -10.20 24.77
CA ASP B 63 -32.14 -9.16 24.42
C ASP B 63 -32.12 -8.86 22.92
N THR B 64 -32.39 -9.85 22.08
CA THR B 64 -32.27 -9.72 20.62
C THR B 64 -33.54 -9.13 19.95
N PHE B 65 -34.70 -9.31 20.57
CA PHE B 65 -35.96 -8.80 20.04
C PHE B 65 -36.75 -8.00 21.09
N GLU B 66 -37.49 -6.99 20.61
CA GLU B 66 -38.23 -6.08 21.43
C GLU B 66 -39.58 -5.72 20.85
N ILE B 67 -40.50 -5.38 21.75
CA ILE B 67 -41.79 -4.81 21.40
C ILE B 67 -41.80 -3.37 21.90
N PRO B 68 -41.52 -2.38 21.02
CA PRO B 68 -41.44 -1.00 21.51
C PRO B 68 -42.80 -0.38 21.85
N LEU B 69 -43.82 -0.70 21.07
CA LEU B 69 -45.20 -0.24 21.32
C LEU B 69 -45.98 -1.42 21.89
N MET B 70 -46.13 -1.48 23.20
CA MET B 70 -46.78 -2.61 23.89
C MET B 70 -48.20 -2.94 23.40
N LEU B 71 -48.94 -1.91 22.96
CA LEU B 71 -50.32 -2.09 22.45
C LEU B 71 -50.47 -2.68 21.01
N THR B 72 -49.48 -2.57 20.13
CA THR B 72 -49.55 -3.16 18.76
C THR B 72 -48.92 -4.56 18.61
N GLY B 73 -48.01 -4.89 19.53
CA GLY B 73 -47.34 -6.18 19.54
C GLY B 73 -46.36 -6.48 18.40
N ASN B 74 -45.91 -5.46 17.71
CA ASN B 74 -44.95 -5.64 16.61
C ASN B 74 -43.54 -5.83 17.17
N ILE B 75 -42.80 -6.73 16.54
CA ILE B 75 -41.48 -7.10 17.03
C ILE B 75 -40.38 -6.51 16.13
N VAL B 76 -39.42 -5.88 16.77
CA VAL B 76 -38.35 -5.12 16.15
C VAL B 76 -37.04 -5.74 16.56
N LEU B 77 -36.10 -5.86 15.63
CA LEU B 77 -34.79 -6.45 15.92
C LEU B 77 -33.98 -5.47 16.71
N ARG B 78 -33.43 -5.92 17.83
CA ARG B 78 -32.72 -5.04 18.79
C ARG B 78 -31.18 -5.19 18.82
N LYS B 79 -30.69 -6.39 18.55
CA LYS B 79 -29.27 -6.69 18.37
C LYS B 79 -29.03 -7.25 16.99
N ARG B 80 -27.80 -7.08 16.54
CA ARG B 80 -27.37 -7.58 15.27
C ARG B 80 -27.19 -9.09 15.34
N LEU B 81 -27.70 -9.77 14.32
CA LEU B 81 -27.70 -11.23 14.22
C LEU B 81 -26.39 -11.77 13.64
N ASN B 82 -26.15 -13.06 13.83
CA ASN B 82 -25.00 -13.74 13.27
C ASN B 82 -25.30 -15.24 13.10
N TYR B 83 -25.64 -15.61 11.87
CA TYR B 83 -25.91 -17.00 11.49
C TYR B 83 -24.86 -17.96 11.99
N GLU B 84 -23.61 -17.57 11.97
CA GLU B 84 -22.52 -18.43 12.46
C GLU B 84 -22.59 -18.74 13.97
N ASP B 85 -23.19 -17.87 14.77
CA ASP B 85 -23.29 -18.09 16.24
C ASP B 85 -24.61 -18.71 16.65
N LYS B 86 -25.71 -18.28 16.02
CA LYS B 86 -27.04 -18.73 16.38
C LYS B 86 -28.04 -18.55 15.22
N THR B 87 -28.79 -19.60 14.90
CA THR B 87 -29.76 -19.58 13.81
C THR B 87 -31.23 -19.62 14.20
N ARG B 88 -31.53 -19.88 15.47
CA ARG B 88 -32.92 -19.98 15.93
C ARG B 88 -33.15 -19.34 17.29
N TYR B 89 -34.23 -18.59 17.38
CA TYR B 89 -34.58 -17.91 18.61
C TYR B 89 -35.98 -18.33 18.97
N PHE B 90 -36.17 -18.58 20.26
CA PHE B 90 -37.51 -18.85 20.80
C PHE B 90 -37.86 -17.64 21.64
N VAL B 91 -38.78 -16.83 21.09
CA VAL B 91 -39.23 -15.63 21.76
C VAL B 91 -40.56 -15.92 22.44
N ILE B 92 -40.60 -15.79 23.76
CA ILE B 92 -41.86 -15.94 24.48
C ILE B 92 -42.56 -14.59 24.55
N ILE B 93 -43.77 -14.50 24.00
CA ILE B 93 -44.59 -13.29 24.11
C ILE B 93 -45.79 -13.56 25.01
N GLN B 94 -46.03 -12.68 25.97
CA GLN B 94 -47.19 -12.73 26.92
C GLN B 94 -48.20 -11.65 26.53
N ALA B 95 -49.49 -11.98 26.61
CA ALA B 95 -50.57 -11.01 26.34
C ALA B 95 -51.53 -10.83 27.54
N ASN B 96 -51.98 -9.58 27.81
CA ASN B 96 -53.18 -9.26 28.71
C ASN B 96 -54.29 -8.62 27.81
N THR B 107 -54.10 -13.34 31.21
CA THR B 107 -52.73 -13.57 30.74
C THR B 107 -52.52 -14.93 29.97
N THR B 108 -51.83 -14.90 28.84
CA THR B 108 -51.55 -16.10 28.01
C THR B 108 -50.26 -15.94 27.17
N THR B 109 -49.43 -16.98 27.16
CA THR B 109 -48.14 -16.89 26.49
C THR B 109 -48.18 -17.65 25.15
N THR B 110 -47.26 -17.27 24.26
CA THR B 110 -47.05 -18.00 23.00
C THR B 110 -45.59 -17.88 22.63
N THR B 111 -45.14 -18.84 21.84
CA THR B 111 -43.76 -18.91 21.39
C THR B 111 -43.72 -18.47 19.94
N LEU B 112 -42.90 -17.44 19.66
CA LEU B 112 -42.55 -17.08 18.29
C LEU B 112 -41.18 -17.67 17.99
N THR B 113 -41.15 -18.63 17.07
CA THR B 113 -39.89 -19.18 16.62
C THR B 113 -39.34 -18.29 15.50
N VAL B 114 -38.12 -17.80 15.66
CA VAL B 114 -37.51 -16.96 14.63
C VAL B 114 -36.25 -17.64 14.06
N ASP B 115 -36.31 -17.99 12.77
CA ASP B 115 -35.15 -18.57 12.09
C ASP B 115 -34.37 -17.49 11.37
N VAL B 116 -33.06 -17.46 11.64
CA VAL B 116 -32.15 -16.56 10.92
C VAL B 116 -31.80 -17.20 9.55
N LEU B 117 -31.91 -16.43 8.49
CA LEU B 117 -31.50 -16.90 7.16
C LEU B 117 -30.05 -16.45 6.92
N ASP B 118 -29.23 -17.37 6.43
CA ASP B 118 -27.82 -17.09 6.17
C ASP B 118 -27.73 -16.03 5.09
N GLY B 119 -26.93 -14.98 5.38
CA GLY B 119 -26.63 -13.90 4.44
C GLY B 119 -25.17 -13.90 4.03
N ASP B 120 -24.91 -13.29 2.86
CA ASP B 120 -23.57 -13.19 2.30
C ASP B 120 -22.71 -12.11 2.99
N ASP B 121 -22.21 -12.48 4.17
CA ASP B 121 -21.31 -11.63 4.96
C ASP B 121 -19.90 -12.20 5.06
N LEU B 122 -19.69 -13.39 4.52
CA LEU B 122 -18.37 -14.02 4.44
C LEU B 122 -17.99 -14.41 3.03
N GLY B 123 -16.68 -14.44 2.80
CA GLY B 123 -16.11 -14.79 1.52
C GLY B 123 -15.65 -16.22 1.56
N PRO B 124 -14.87 -16.65 0.56
CA PRO B 124 -14.40 -18.03 0.54
C PRO B 124 -13.34 -18.40 1.59
N MET B 125 -13.10 -19.70 1.68
CA MET B 125 -11.97 -20.29 2.39
C MET B 125 -11.34 -21.37 1.55
N PHE B 126 -10.01 -21.40 1.51
CA PHE B 126 -9.29 -22.51 0.81
C PHE B 126 -9.33 -23.79 1.64
N LEU B 127 -9.29 -24.91 0.94
CA LEU B 127 -9.38 -26.22 1.52
C LEU B 127 -8.08 -26.95 1.31
N PRO B 128 -7.66 -27.79 2.27
CA PRO B 128 -8.39 -28.04 3.56
C PRO B 128 -8.32 -26.86 4.51
N CYS B 129 -9.38 -26.72 5.31
CA CYS B 129 -9.47 -25.72 6.38
C CYS B 129 -9.43 -26.48 7.70
N VAL B 130 -8.26 -26.53 8.31
CA VAL B 130 -8.04 -27.11 9.61
C VAL B 130 -8.02 -25.93 10.57
N LEU B 131 -8.94 -25.94 11.54
CA LEU B 131 -9.03 -24.77 12.41
C LEU B 131 -7.81 -24.64 13.32
N VAL B 132 -7.31 -23.42 13.46
CA VAL B 132 -6.29 -23.12 14.48
C VAL B 132 -6.90 -23.26 15.90
N PRO B 133 -6.28 -24.05 16.78
CA PRO B 133 -6.84 -24.23 18.13
C PRO B 133 -7.32 -22.91 18.78
N ASN B 134 -8.57 -22.91 19.25
CA ASN B 134 -9.21 -21.79 19.93
C ASN B 134 -9.52 -20.57 19.09
N THR B 135 -9.74 -20.78 17.80
CA THR B 135 -10.10 -19.72 16.88
C THR B 135 -11.17 -20.27 15.99
N ARG B 136 -11.79 -19.41 15.19
CA ARG B 136 -12.56 -19.88 14.03
C ARG B 136 -11.80 -19.68 12.71
N ASP B 137 -10.47 -19.63 12.76
CA ASP B 137 -9.66 -19.26 11.58
C ASP B 137 -8.99 -20.48 11.01
N CYS B 138 -9.01 -20.64 9.70
CA CYS B 138 -8.26 -21.73 9.06
C CYS B 138 -6.77 -21.52 9.26
N ARG B 139 -6.06 -22.59 9.58
CA ARG B 139 -4.60 -22.56 9.50
C ARG B 139 -4.20 -22.22 8.07
N PRO B 140 -3.32 -21.23 7.90
CA PRO B 140 -2.80 -20.88 6.57
C PRO B 140 -2.21 -22.06 5.83
N LEU B 141 -2.39 -21.99 4.52
CA LEU B 141 -2.05 -23.02 3.62
C LEU B 141 -0.94 -22.56 2.69
N THR B 142 0.03 -23.43 2.50
CA THR B 142 0.92 -23.31 1.35
C THR B 142 0.77 -24.54 0.48
N TYR B 143 0.07 -24.38 -0.64
CA TYR B 143 -0.01 -25.43 -1.66
C TYR B 143 1.40 -25.68 -2.25
N GLN B 144 1.66 -26.90 -2.73
CA GLN B 144 2.98 -27.28 -3.30
C GLN B 144 2.89 -27.89 -4.68
N ALA B 145 3.80 -27.52 -5.55
CA ALA B 145 3.95 -28.15 -6.87
C ALA B 145 5.43 -28.31 -7.18
N ALA B 146 5.73 -29.20 -8.10
CA ALA B 146 7.14 -29.48 -8.47
C ALA B 146 7.27 -29.85 -9.95
N ILE B 147 7.98 -29.04 -10.71
CA ILE B 147 8.06 -29.20 -12.17
C ILE B 147 9.44 -29.65 -12.60
N PRO B 148 9.53 -30.76 -13.35
CA PRO B 148 10.86 -31.03 -14.00
C PRO B 148 11.25 -29.99 -15.01
N GLU B 149 12.54 -29.65 -14.96
CA GLU B 149 13.16 -28.74 -15.93
C GLU B 149 13.17 -29.35 -17.32
N LEU B 150 13.10 -28.47 -18.30
CA LEU B 150 13.30 -28.75 -19.72
C LEU B 150 12.24 -29.61 -20.34
N ARG B 151 11.09 -29.74 -19.71
CA ARG B 151 9.99 -30.51 -20.26
C ARG B 151 8.90 -29.58 -20.68
N THR B 152 8.15 -29.97 -21.71
CA THR B 152 7.22 -29.08 -22.39
C THR B 152 5.90 -28.97 -21.60
N PRO B 153 5.16 -27.86 -21.76
CA PRO B 153 3.77 -27.78 -21.28
C PRO B 153 2.95 -28.98 -21.71
N GLU B 154 3.14 -29.35 -22.97
CA GLU B 154 2.48 -30.50 -23.57
C GLU B 154 2.63 -31.75 -22.69
N GLU B 155 3.83 -32.04 -22.16
CA GLU B 155 4.01 -33.25 -21.33
C GLU B 155 3.64 -33.12 -19.85
N LEU B 156 3.52 -31.91 -19.31
CA LEU B 156 3.31 -31.74 -17.88
C LEU B 156 1.95 -31.26 -17.45
N ASN B 157 1.19 -30.64 -18.35
CA ASN B 157 0.00 -29.92 -17.94
C ASN B 157 -1.13 -30.93 -17.83
N PRO B 158 -2.10 -30.73 -16.93
CA PRO B 158 -2.11 -29.67 -15.92
C PRO B 158 -1.11 -29.98 -14.80
N ILE B 159 -0.56 -28.95 -14.16
CA ILE B 159 0.38 -29.17 -13.08
C ILE B 159 -0.28 -29.64 -11.81
N ILE B 160 0.28 -30.70 -11.24
CA ILE B 160 -0.24 -31.29 -10.03
C ILE B 160 0.13 -30.48 -8.80
N VAL B 161 -0.89 -30.00 -8.09
CA VAL B 161 -0.77 -29.29 -6.83
C VAL B 161 -1.24 -30.16 -5.66
N THR B 162 -0.55 -30.07 -4.53
CA THR B 162 -0.77 -30.91 -3.33
C THR B 162 -0.99 -30.03 -2.09
N PRO B 163 -2.06 -30.20 -1.34
CA PRO B 163 -3.33 -30.76 -1.83
C PRO B 163 -3.85 -29.94 -3.03
N PRO B 164 -4.91 -30.37 -3.71
CA PRO B 164 -5.42 -29.59 -4.84
C PRO B 164 -6.03 -28.24 -4.40
N ILE B 165 -5.85 -27.26 -5.25
CA ILE B 165 -6.32 -25.92 -4.99
C ILE B 165 -7.81 -25.95 -5.22
N GLN B 166 -8.52 -25.31 -4.28
CA GLN B 166 -9.93 -25.42 -4.16
C GLN B 166 -10.41 -24.53 -3.02
N ALA B 167 -11.48 -23.75 -3.25
CA ALA B 167 -12.08 -22.94 -2.21
C ALA B 167 -13.61 -23.12 -2.17
N ILE B 168 -14.22 -22.83 -1.04
CA ILE B 168 -15.70 -22.77 -0.96
C ILE B 168 -16.13 -21.59 -0.13
N ASP B 169 -17.33 -21.12 -0.33
CA ASP B 169 -17.96 -20.09 0.50
C ASP B 169 -17.95 -20.45 2.00
N GLN B 170 -17.57 -19.54 2.86
CA GLN B 170 -17.71 -19.80 4.29
C GLN B 170 -19.18 -19.74 4.70
N ASP B 171 -20.01 -19.09 3.88
CA ASP B 171 -21.43 -19.12 4.10
C ASP B 171 -21.94 -20.46 3.57
N ARG B 172 -22.29 -21.35 4.50
CA ARG B 172 -22.59 -22.73 4.19
C ARG B 172 -24.03 -22.98 3.78
N ASN B 173 -24.96 -22.07 4.07
CA ASN B 173 -26.38 -22.31 3.78
C ASN B 173 -27.16 -21.13 3.13
N ILE B 174 -26.54 -20.48 2.16
CA ILE B 174 -27.24 -19.41 1.42
C ILE B 174 -28.42 -20.01 0.68
N GLN B 175 -29.58 -19.36 0.79
CA GLN B 175 -30.81 -19.77 0.08
C GLN B 175 -31.40 -18.56 -0.62
N PRO B 176 -31.99 -18.69 -1.81
CA PRO B 176 -32.02 -19.91 -2.61
C PRO B 176 -30.63 -20.19 -3.22
N PRO B 177 -30.40 -21.39 -3.77
CA PRO B 177 -29.08 -21.66 -4.44
C PRO B 177 -28.66 -20.68 -5.58
N SER B 178 -29.61 -20.14 -6.35
CA SER B 178 -29.31 -19.14 -7.38
C SER B 178 -28.66 -17.85 -6.84
N ASP B 179 -28.77 -17.59 -5.53
CA ASP B 179 -28.06 -16.46 -4.90
C ASP B 179 -26.58 -16.73 -4.56
N ARG B 180 -26.11 -17.95 -4.74
CA ARG B 180 -24.74 -18.28 -4.32
C ARG B 180 -23.74 -17.75 -5.34
N PRO B 181 -22.72 -17.02 -4.88
CA PRO B 181 -21.77 -16.48 -5.85
C PRO B 181 -20.86 -17.59 -6.40
N GLY B 182 -20.22 -17.32 -7.52
CA GLY B 182 -19.16 -18.15 -8.03
C GLY B 182 -17.84 -17.66 -7.47
N ILE B 183 -16.82 -18.51 -7.61
CA ILE B 183 -15.55 -18.18 -7.04
C ILE B 183 -14.52 -18.00 -8.18
N LEU B 184 -13.71 -16.95 -8.05
CA LEU B 184 -12.70 -16.62 -9.01
C LEU B 184 -11.32 -16.75 -8.37
N TYR B 185 -10.48 -17.56 -9.01
CA TYR B 185 -9.12 -17.88 -8.55
C TYR B 185 -8.18 -17.06 -9.37
N SER B 186 -7.11 -16.59 -8.78
CA SER B 186 -6.05 -15.88 -9.50
C SER B 186 -4.72 -15.92 -8.74
N ILE B 187 -3.66 -15.67 -9.50
CA ILE B 187 -2.35 -15.46 -8.92
C ILE B 187 -2.24 -13.96 -8.67
N LEU B 188 -2.14 -13.58 -7.41
CA LEU B 188 -2.18 -12.19 -7.03
C LEU B 188 -0.85 -11.52 -7.22
N VAL B 189 0.18 -12.14 -6.68
CA VAL B 189 1.54 -11.66 -6.72
C VAL B 189 2.47 -12.85 -6.67
N GLY B 190 3.74 -12.62 -6.99
CA GLY B 190 4.69 -13.69 -6.94
C GLY B 190 6.10 -13.25 -7.11
N THR B 191 7.00 -14.12 -6.66
CA THR B 191 8.44 -13.88 -6.80
C THR B 191 9.13 -15.17 -7.28
N PRO B 192 10.07 -15.12 -8.23
CA PRO B 192 10.49 -13.91 -8.96
C PRO B 192 9.41 -13.34 -9.88
N GLU B 193 9.58 -12.06 -10.24
CA GLU B 193 8.53 -11.28 -10.89
C GLU B 193 8.13 -11.73 -12.29
N ASP B 194 8.95 -12.56 -12.97
CA ASP B 194 8.61 -13.11 -14.29
C ASP B 194 7.79 -14.39 -14.30
N TYR B 195 7.14 -14.71 -13.19
CA TYR B 195 6.20 -15.85 -13.11
C TYR B 195 5.08 -15.85 -14.16
N PRO B 196 4.54 -14.68 -14.59
CA PRO B 196 3.46 -14.76 -15.57
C PRO B 196 3.89 -15.32 -16.92
N ARG B 197 5.18 -15.23 -17.21
CA ARG B 197 5.74 -15.87 -18.37
C ARG B 197 5.64 -17.39 -18.39
N PHE B 198 5.69 -18.01 -17.22
CA PHE B 198 5.67 -19.47 -17.05
C PHE B 198 4.37 -20.10 -16.55
N PHE B 199 3.54 -19.36 -15.83
CA PHE B 199 2.33 -19.96 -15.20
C PHE B 199 1.05 -19.22 -15.49
N HIS B 200 -0.04 -19.96 -15.73
CA HIS B 200 -1.37 -19.39 -15.90
C HIS B 200 -2.30 -20.15 -14.98
N MET B 201 -3.16 -19.44 -14.24
CA MET B 201 -4.22 -20.06 -13.43
C MET B 201 -5.59 -19.84 -14.06
N HIS B 202 -6.39 -20.90 -14.21
CA HIS B 202 -7.73 -20.76 -14.76
C HIS B 202 -8.59 -20.06 -13.66
N PRO B 203 -9.33 -19.02 -14.06
CA PRO B 203 -10.08 -18.27 -13.04
C PRO B 203 -11.22 -19.05 -12.35
N ARG B 204 -11.76 -20.10 -12.98
CA ARG B 204 -12.89 -20.84 -12.43
C ARG B 204 -12.53 -22.20 -11.82
N THR B 205 -11.55 -22.87 -12.39
CA THR B 205 -11.13 -24.19 -11.89
C THR B 205 -9.85 -24.17 -11.03
N ALA B 206 -9.12 -23.08 -11.01
CA ALA B 206 -7.79 -23.06 -10.38
C ALA B 206 -6.72 -23.96 -11.05
N GLU B 207 -6.99 -24.47 -12.24
CA GLU B 207 -6.07 -25.33 -12.92
C GLU B 207 -4.81 -24.54 -13.26
N LEU B 208 -3.65 -25.10 -12.97
CA LEU B 208 -2.40 -24.42 -13.17
C LEU B 208 -1.73 -24.94 -14.47
N SER B 209 -1.29 -24.04 -15.34
CA SER B 209 -0.61 -24.41 -16.59
C SER B 209 0.81 -23.89 -16.70
N LEU B 210 1.73 -24.76 -17.05
CA LEU B 210 3.04 -24.32 -17.49
C LEU B 210 2.88 -23.81 -18.91
N LEU B 211 3.47 -22.64 -19.20
CA LEU B 211 3.37 -22.01 -20.53
C LEU B 211 4.63 -22.19 -21.41
N GLU B 212 5.73 -22.65 -20.81
CA GLU B 212 7.02 -22.64 -21.43
C GLU B 212 7.92 -23.56 -20.61
N PRO B 213 8.82 -24.32 -21.27
CA PRO B 213 9.81 -25.07 -20.48
C PRO B 213 10.60 -24.17 -19.55
N VAL B 214 10.96 -24.73 -18.39
CA VAL B 214 11.77 -24.03 -17.41
C VAL B 214 13.17 -24.59 -17.39
N ASN B 215 14.17 -23.72 -17.38
CA ASN B 215 15.58 -24.10 -17.29
C ASN B 215 16.05 -23.75 -15.87
N ARG B 216 16.53 -24.74 -15.16
CA ARG B 216 16.91 -24.59 -13.77
C ARG B 216 18.15 -23.73 -13.54
N ASP B 217 18.95 -23.53 -14.59
CA ASP B 217 20.02 -22.54 -14.55
C ASP B 217 19.49 -21.09 -14.34
N PHE B 218 18.29 -20.78 -14.81
CA PHE B 218 17.72 -19.45 -14.68
C PHE B 218 16.59 -19.31 -13.62
N HIS B 219 15.88 -20.41 -13.33
CA HIS B 219 14.78 -20.40 -12.34
C HIS B 219 14.77 -21.68 -11.53
N GLN B 220 14.98 -21.53 -10.22
CA GLN B 220 15.01 -22.66 -9.30
C GLN B 220 13.68 -22.85 -8.53
N LYS B 221 12.93 -21.78 -8.30
CA LYS B 221 11.73 -21.83 -7.44
C LYS B 221 10.84 -20.62 -7.62
N PHE B 222 9.54 -20.79 -7.48
CA PHE B 222 8.58 -19.68 -7.52
C PHE B 222 7.75 -19.68 -6.25
N ASP B 223 7.49 -18.51 -5.68
CA ASP B 223 6.67 -18.37 -4.46
C ASP B 223 5.54 -17.43 -4.77
N LEU B 224 4.34 -17.98 -4.95
CA LEU B 224 3.19 -17.20 -5.36
C LEU B 224 2.13 -17.05 -4.24
N VAL B 225 1.35 -15.97 -4.31
CA VAL B 225 0.16 -15.83 -3.47
C VAL B 225 -1.04 -15.97 -4.40
N ILE B 226 -1.92 -16.91 -4.04
CA ILE B 226 -3.16 -17.21 -4.72
C ILE B 226 -4.34 -16.55 -3.99
N LYS B 227 -5.30 -16.06 -4.77
CA LYS B 227 -6.49 -15.40 -4.26
C LYS B 227 -7.75 -16.12 -4.73
N ALA B 228 -8.70 -16.29 -3.80
CA ALA B 228 -10.03 -16.79 -4.11
C ALA B 228 -11.02 -15.77 -3.64
N GLU B 229 -11.88 -15.30 -4.54
CA GLU B 229 -12.86 -14.26 -4.20
C GLU B 229 -14.20 -14.52 -4.85
N GLN B 230 -15.22 -13.87 -4.32
CA GLN B 230 -16.57 -14.00 -4.86
C GLN B 230 -16.72 -13.13 -6.11
N ASP B 231 -17.50 -13.61 -7.08
CA ASP B 231 -17.77 -12.85 -8.32
C ASP B 231 -18.97 -11.88 -8.29
N ASN B 232 -19.55 -11.61 -7.12
CA ASN B 232 -20.85 -10.89 -7.02
C ASN B 232 -20.72 -9.40 -6.62
N GLY B 233 -19.53 -8.81 -6.79
CA GLY B 233 -19.28 -7.46 -6.30
C GLY B 233 -18.92 -7.33 -4.80
N HIS B 234 -18.87 -8.44 -4.08
CA HIS B 234 -18.47 -8.47 -2.65
C HIS B 234 -17.36 -9.53 -2.51
N PRO B 235 -16.19 -9.19 -3.02
CA PRO B 235 -15.11 -10.20 -3.20
C PRO B 235 -14.74 -10.96 -1.92
N LEU B 236 -14.52 -10.24 -0.83
CA LEU B 236 -14.18 -10.81 0.50
C LEU B 236 -13.13 -11.93 0.35
N PRO B 237 -12.00 -11.60 -0.24
CA PRO B 237 -11.05 -12.62 -0.68
C PRO B 237 -10.34 -13.38 0.46
N ALA B 238 -10.03 -14.64 0.18
CA ALA B 238 -9.09 -15.48 0.90
C ALA B 238 -7.76 -15.60 0.10
N PHE B 239 -6.68 -15.86 0.81
CA PHE B 239 -5.36 -15.96 0.20
C PHE B 239 -4.64 -17.22 0.67
N ALA B 240 -3.81 -17.80 -0.19
CA ALA B 240 -2.99 -18.93 0.18
C ALA B 240 -1.67 -18.84 -0.57
N GLY B 241 -0.66 -19.53 -0.06
CA GLY B 241 0.59 -19.62 -0.73
C GLY B 241 0.61 -20.76 -1.73
N LEU B 242 1.43 -20.60 -2.77
CA LEU B 242 1.75 -21.68 -3.71
C LEU B 242 3.26 -21.67 -3.96
N HIS B 243 3.96 -22.68 -3.47
CA HIS B 243 5.40 -22.81 -3.69
C HIS B 243 5.61 -23.80 -4.83
N ILE B 244 6.42 -23.43 -5.82
CA ILE B 244 6.72 -24.31 -6.95
C ILE B 244 8.21 -24.58 -7.02
N GLU B 245 8.64 -25.84 -6.87
CA GLU B 245 10.05 -26.23 -6.99
C GLU B 245 10.30 -26.65 -8.43
N ILE B 246 11.49 -26.33 -8.92
CA ILE B 246 11.95 -26.77 -10.24
C ILE B 246 13.04 -27.83 -10.04
N LEU B 247 12.77 -29.05 -10.47
CA LEU B 247 13.67 -30.22 -10.26
C LEU B 247 14.61 -30.49 -11.49
N ASP B 248 15.70 -31.21 -11.27
CA ASP B 248 16.50 -31.82 -12.40
C ASP B 248 16.09 -33.27 -12.53
N THR C 7 58.22 -1.31 10.32
CA THR C 7 58.05 0.08 9.77
C THR C 7 57.46 0.10 8.32
N PHE C 8 56.66 1.14 8.01
CA PHE C 8 55.87 1.31 6.75
C PHE C 8 56.62 2.00 5.60
N LYS C 9 56.43 1.53 4.36
CA LYS C 9 57.17 2.05 3.19
C LYS C 9 56.95 3.55 2.83
N HIS C 10 55.75 4.09 3.08
CA HIS C 10 55.45 5.51 2.71
C HIS C 10 55.26 6.62 3.81
N GLU C 11 54.72 6.26 4.94
CA GLU C 11 54.50 7.22 6.06
C GLU C 11 53.16 7.88 6.03
N SER C 12 52.49 7.98 4.88
CA SER C 12 51.00 8.08 4.84
C SER C 12 50.46 7.64 3.47
N TYR C 13 49.18 7.31 3.46
CA TYR C 13 48.54 6.74 2.29
C TYR C 13 47.25 7.45 1.99
N TYR C 14 46.73 7.22 0.80
CA TYR C 14 45.58 7.94 0.28
C TYR C 14 44.65 7.06 -0.58
N ALA C 15 43.34 7.13 -0.32
CA ALA C 15 42.36 6.52 -1.22
C ALA C 15 41.15 7.41 -1.46
N THR C 16 40.49 7.21 -2.60
CA THR C 16 39.20 7.83 -2.84
C THR C 16 38.14 6.74 -2.88
N VAL C 17 36.92 7.07 -2.47
CA VAL C 17 35.79 6.16 -2.54
C VAL C 17 34.51 6.88 -2.99
N ASN C 18 33.87 6.45 -4.09
CA ASN C 18 32.59 7.01 -4.50
C ASN C 18 31.57 6.78 -3.35
N GLU C 19 30.74 7.79 -3.08
CA GLU C 19 29.82 7.71 -1.94
C GLU C 19 28.75 6.60 -2.12
N LEU C 20 28.50 6.17 -3.35
CA LEU C 20 27.56 5.11 -3.61
C LEU C 20 28.10 3.69 -3.40
N THR C 21 29.41 3.54 -3.18
CA THR C 21 30.04 2.23 -3.04
C THR C 21 29.32 1.42 -1.98
N PRO C 22 28.76 0.27 -2.37
CA PRO C 22 28.13 -0.63 -1.41
C PRO C 22 29.02 -1.08 -0.28
N VAL C 23 28.39 -1.25 0.89
CA VAL C 23 29.01 -1.91 2.04
C VAL C 23 29.60 -3.23 1.58
N GLY C 24 30.75 -3.58 2.11
CA GLY C 24 31.40 -4.85 1.75
C GLY C 24 32.46 -4.74 0.68
N THR C 25 32.45 -3.67 -0.09
CA THR C 25 33.43 -3.44 -1.14
C THR C 25 34.83 -3.21 -0.52
N THR C 26 35.85 -3.75 -1.19
CA THR C 26 37.24 -3.48 -0.82
C THR C 26 37.64 -2.14 -1.45
N ILE C 27 38.10 -1.21 -0.63
CA ILE C 27 38.39 0.19 -1.06
C ILE C 27 39.87 0.62 -1.04
N PHE C 28 40.75 -0.24 -0.51
CA PHE C 28 42.18 0.03 -0.51
C PHE C 28 42.96 -1.27 -0.43
N THR C 29 43.92 -1.44 -1.34
CA THR C 29 44.73 -2.66 -1.40
C THR C 29 46.23 -2.37 -1.32
N GLY C 30 46.58 -1.14 -1.00
CA GLY C 30 47.94 -0.65 -1.16
C GLY C 30 48.98 -1.12 -0.14
N PHE C 31 48.58 -1.96 0.81
CA PHE C 31 49.56 -2.70 1.61
C PHE C 31 49.96 -4.03 0.96
N SER C 32 49.21 -4.47 -0.05
CA SER C 32 49.56 -5.66 -0.83
C SER C 32 50.68 -5.31 -1.81
N GLY C 33 51.55 -6.26 -2.10
CA GLY C 33 52.61 -6.12 -3.11
C GLY C 33 53.93 -5.51 -2.66
N ASP C 34 54.34 -5.77 -1.41
CA ASP C 34 55.58 -5.21 -0.78
C ASP C 34 55.44 -3.73 -0.34
N ASN C 35 54.22 -3.18 -0.38
CA ASN C 35 53.97 -1.74 -0.27
C ASN C 35 53.51 -1.26 1.14
N GLY C 36 53.53 -2.17 2.13
CA GLY C 36 53.12 -1.90 3.53
C GLY C 36 54.24 -1.99 4.52
N ILE C 48 52.93 -10.28 9.24
CA ILE C 48 52.51 -8.99 9.78
C ILE C 48 50.96 -8.88 9.87
N GLU C 49 50.47 -8.50 11.06
CA GLU C 49 49.03 -8.41 11.38
C GLU C 49 48.56 -6.93 11.33
N TYR C 50 47.67 -6.57 10.39
CA TYR C 50 47.12 -5.20 10.26
C TYR C 50 45.74 -5.05 10.93
N VAL C 51 45.61 -4.09 11.85
CA VAL C 51 44.35 -3.82 12.53
C VAL C 51 44.08 -2.30 12.64
N ILE C 52 42.81 -1.91 12.62
CA ILE C 52 42.42 -0.49 12.65
C ILE C 52 42.25 0.01 14.09
N GLN C 53 42.85 1.16 14.41
CA GLN C 53 42.78 1.77 15.74
C GLN C 53 41.67 2.80 15.80
N TYR C 54 41.05 2.95 16.96
CA TYR C 54 40.25 4.10 17.23
C TYR C 54 41.13 5.34 17.10
N ASN C 55 40.70 6.29 16.27
CA ASN C 55 41.38 7.57 16.08
C ASN C 55 40.64 8.64 16.91
N PRO C 56 41.25 9.13 18.02
CA PRO C 56 40.53 10.14 18.85
C PRO C 56 40.12 11.40 18.07
N ASP C 57 40.98 11.81 17.13
CA ASP C 57 40.76 13.00 16.29
C ASP C 57 39.70 12.81 15.20
N ASP C 58 39.40 11.55 14.82
CA ASP C 58 38.31 11.20 13.87
C ASP C 58 37.53 9.93 14.34
N PRO C 59 36.66 10.08 15.35
CA PRO C 59 36.11 8.91 16.06
C PRO C 59 35.37 7.89 15.21
N THR C 60 34.64 8.36 14.20
CA THR C 60 33.82 7.49 13.38
C THR C 60 34.61 6.70 12.31
N SER C 61 35.92 6.93 12.11
CA SER C 61 36.66 6.23 11.04
C SER C 61 36.80 4.72 11.25
N ASN C 62 37.06 4.30 12.48
CA ASN C 62 37.14 2.85 12.77
C ASN C 62 35.78 2.09 12.71
N ASP C 63 34.66 2.79 12.80
CA ASP C 63 33.31 2.22 12.53
C ASP C 63 33.02 2.11 11.04
N THR C 64 33.56 3.04 10.24
CA THR C 64 33.25 3.10 8.81
C THR C 64 34.13 2.16 7.95
N PHE C 65 35.34 1.85 8.41
CA PHE C 65 36.24 0.96 7.68
C PHE C 65 36.76 -0.19 8.54
N GLU C 66 37.00 -1.34 7.91
CA GLU C 66 37.45 -2.54 8.60
C GLU C 66 38.48 -3.31 7.78
N ILE C 67 39.31 -4.07 8.50
CA ILE C 67 40.22 -5.04 7.88
C ILE C 67 39.75 -6.42 8.30
N PRO C 68 38.99 -7.12 7.43
CA PRO C 68 38.49 -8.46 7.82
C PRO C 68 39.57 -9.55 7.84
N LEU C 69 40.51 -9.50 6.89
CA LEU C 69 41.62 -10.45 6.83
C LEU C 69 42.89 -9.76 7.35
N MET C 70 43.20 -9.99 8.62
CA MET C 70 44.24 -9.22 9.33
C MET C 70 45.64 -9.36 8.68
N LEU C 71 45.91 -10.50 8.03
CA LEU C 71 47.21 -10.74 7.36
C LEU C 71 47.45 -10.02 6.01
N THR C 72 46.39 -9.66 5.26
CA THR C 72 46.57 -8.93 3.96
C THR C 72 46.46 -7.40 4.06
N GLY C 73 45.82 -6.91 5.10
CA GLY C 73 45.68 -5.47 5.36
C GLY C 73 44.76 -4.72 4.41
N ASN C 74 43.90 -5.42 3.68
CA ASN C 74 42.99 -4.79 2.75
C ASN C 74 41.81 -4.21 3.52
N ILE C 75 41.37 -3.03 3.08
CA ILE C 75 40.34 -2.28 3.79
C ILE C 75 39.03 -2.33 3.02
N VAL C 76 37.97 -2.66 3.76
CA VAL C 76 36.65 -2.90 3.24
C VAL C 76 35.72 -1.88 3.89
N LEU C 77 34.78 -1.35 3.10
CA LEU C 77 33.85 -0.37 3.62
C LEU C 77 32.81 -1.06 4.48
N ARG C 78 32.61 -0.55 5.69
CA ARG C 78 31.74 -1.21 6.70
C ARG C 78 30.38 -0.51 6.96
N LYS C 79 30.35 0.81 6.83
CA LYS C 79 29.12 1.61 6.87
C LYS C 79 28.96 2.36 5.57
N ARG C 80 27.70 2.70 5.30
CA ARG C 80 27.38 3.43 4.12
C ARG C 80 27.79 4.89 4.25
N LEU C 81 28.42 5.42 3.20
CA LEU C 81 28.94 6.78 3.18
C LEU C 81 27.87 7.81 2.79
N ASN C 82 28.16 9.07 3.06
CA ASN C 82 27.30 10.18 2.68
C ASN C 82 28.10 11.47 2.53
N TYR C 83 28.41 11.82 1.28
CA TYR C 83 29.12 13.06 0.94
C TYR C 83 28.53 14.27 1.63
N GLU C 84 27.23 14.33 1.76
CA GLU C 84 26.58 15.45 2.46
C GLU C 84 26.91 15.56 3.96
N ASP C 85 27.25 14.45 4.63
CA ASP C 85 27.58 14.44 6.06
C ASP C 85 29.07 14.53 6.33
N LYS C 86 29.88 13.84 5.54
CA LYS C 86 31.32 13.73 5.79
C LYS C 86 32.06 13.35 4.49
N THR C 87 33.11 14.08 4.16
CA THR C 87 33.90 13.86 2.97
C THR C 87 35.32 13.34 3.17
N ARG C 88 35.83 13.37 4.40
CA ARG C 88 37.18 12.92 4.70
C ARG C 88 37.31 12.09 5.97
N TYR C 89 38.04 11.00 5.89
CA TYR C 89 38.24 10.10 7.01
C TYR C 89 39.73 9.94 7.21
N PHE C 90 40.15 9.95 8.47
CA PHE C 90 41.51 9.63 8.84
C PHE C 90 41.49 8.27 9.53
N VAL C 91 41.96 7.25 8.83
CA VAL C 91 41.96 5.89 9.32
C VAL C 91 43.36 5.55 9.86
N ILE C 92 43.47 5.26 11.14
CA ILE C 92 44.75 4.83 11.70
C ILE C 92 44.89 3.31 11.57
N ILE C 93 45.91 2.83 10.86
CA ILE C 93 46.19 1.40 10.76
C ILE C 93 47.50 1.08 11.49
N GLN C 94 47.45 0.05 12.34
CA GLN C 94 48.60 -0.45 13.13
C GLN C 94 49.08 -1.79 12.57
N ALA C 95 50.39 -2.02 12.59
CA ALA C 95 50.99 -3.30 12.15
C ALA C 95 51.85 -3.96 13.28
N ASN C 96 51.79 -5.31 13.36
CA ASN C 96 52.47 -6.21 14.29
C ASN C 96 53.32 -7.20 13.50
N THR C 107 55.66 -3.07 16.51
CA THR C 107 54.47 -2.21 16.31
C THR C 107 54.80 -0.88 15.57
N THR C 108 53.94 -0.49 14.62
CA THR C 108 54.05 0.82 13.91
C THR C 108 52.70 1.25 13.29
N THR C 109 52.34 2.53 13.43
CA THR C 109 51.07 3.02 12.91
C THR C 109 51.29 3.85 11.63
N THR C 110 50.23 4.00 10.84
CA THR C 110 50.18 4.96 9.73
C THR C 110 48.76 5.44 9.55
N THR C 111 48.64 6.60 8.93
CA THR C 111 47.34 7.23 8.66
C THR C 111 47.00 7.04 7.18
N LEU C 112 45.84 6.43 6.92
CA LEU C 112 45.22 6.44 5.60
C LEU C 112 44.15 7.53 5.53
N THR C 113 44.39 8.53 4.70
CA THR C 113 43.38 9.55 4.44
C THR C 113 42.44 9.04 3.35
N VAL C 114 41.14 9.04 3.63
CA VAL C 114 40.15 8.60 2.64
C VAL C 114 39.19 9.74 2.27
N ASP C 115 39.23 10.17 1.01
CA ASP C 115 38.30 11.19 0.51
C ASP C 115 37.12 10.57 -0.19
N VAL C 116 35.93 10.96 0.24
CA VAL C 116 34.68 10.54 -0.42
C VAL C 116 34.43 11.37 -1.70
N LEU C 117 34.15 10.70 -2.81
CA LEU C 117 33.78 11.41 -4.05
C LEU C 117 32.26 11.50 -4.16
N ASP C 118 31.77 12.69 -4.50
CA ASP C 118 30.32 12.95 -4.60
C ASP C 118 29.74 12.06 -5.71
N GLY C 119 28.68 11.33 -5.38
CA GLY C 119 27.92 10.48 -6.29
C GLY C 119 26.51 11.00 -6.52
N ASP C 120 25.91 10.54 -7.63
CA ASP C 120 24.58 10.96 -8.05
C ASP C 120 23.47 10.21 -7.29
N ASP C 121 23.27 10.63 -6.04
CA ASP C 121 22.25 10.06 -5.15
C ASP C 121 21.12 11.04 -4.87
N LEU C 122 21.26 12.28 -5.35
CA LEU C 122 20.22 13.31 -5.24
C LEU C 122 19.85 13.89 -6.61
N GLY C 123 18.61 14.36 -6.66
CA GLY C 123 18.05 14.98 -7.86
C GLY C 123 18.10 16.47 -7.72
N PRO C 124 17.36 17.19 -8.56
CA PRO C 124 17.36 18.65 -8.48
C PRO C 124 16.65 19.27 -7.25
N MET C 125 16.88 20.57 -7.12
CA MET C 125 16.11 21.43 -6.25
C MET C 125 15.80 22.72 -7.01
N PHE C 126 14.58 23.21 -6.85
CA PHE C 126 14.17 24.50 -7.39
C PHE C 126 14.73 25.63 -6.50
N LEU C 127 14.97 26.77 -7.11
CA LEU C 127 15.42 27.96 -6.42
C LEU C 127 14.32 29.01 -6.51
N PRO C 128 14.13 29.82 -5.46
CA PRO C 128 14.89 29.77 -4.21
C PRO C 128 14.55 28.57 -3.34
N CYS C 129 15.56 28.11 -2.60
CA CYS C 129 15.44 27.07 -1.60
C CYS C 129 15.72 27.70 -0.27
N VAL C 130 14.66 28.01 0.48
CA VAL C 130 14.85 28.45 1.88
C VAL C 130 14.65 27.25 2.78
N LEU C 131 15.64 26.85 3.55
CA LEU C 131 15.50 25.64 4.35
C LEU C 131 14.42 25.80 5.44
N VAL C 132 13.57 24.78 5.59
CA VAL C 132 12.67 24.69 6.72
C VAL C 132 13.46 24.48 8.03
N PRO C 133 13.23 25.31 9.07
CA PRO C 133 13.99 25.15 10.31
C PRO C 133 14.13 23.70 10.79
N ASN C 134 15.38 23.27 11.05
CA ASN C 134 15.74 21.93 11.51
C ASN C 134 15.53 20.79 10.55
N THR C 135 15.63 21.08 9.26
CA THR C 135 15.54 20.08 8.22
C THR C 135 16.59 20.40 7.19
N ARG C 136 16.81 19.50 6.26
CA ARG C 136 17.51 19.83 5.03
C ARG C 136 16.53 19.96 3.84
N ASP C 137 15.27 20.31 4.11
CA ASP C 137 14.24 20.34 3.07
C ASP C 137 13.92 21.79 2.69
N CYS C 138 13.84 22.08 1.42
CA CYS C 138 13.38 23.38 0.98
C CYS C 138 11.94 23.63 1.37
N ARG C 139 11.66 24.82 1.87
CA ARG C 139 10.29 25.26 2.03
C ARG C 139 9.62 25.22 0.65
N PRO C 140 8.43 24.63 0.55
CA PRO C 140 7.62 24.65 -0.65
C PRO C 140 7.46 25.98 -1.32
N LEU C 141 7.44 25.92 -2.63
CA LEU C 141 7.66 27.04 -3.51
C LEU C 141 6.55 27.11 -4.49
N THR C 142 5.94 28.28 -4.62
CA THR C 142 4.93 28.49 -5.65
C THR C 142 5.35 29.66 -6.52
N TYR C 143 5.82 29.36 -7.72
CA TYR C 143 6.15 30.40 -8.71
C TYR C 143 4.85 31.13 -9.12
N GLN C 144 4.93 32.38 -9.55
CA GLN C 144 3.74 33.18 -9.93
C GLN C 144 3.86 33.80 -11.32
N ALA C 145 2.73 33.82 -12.04
CA ALA C 145 2.63 34.58 -13.28
C ALA C 145 1.25 35.19 -13.35
N ALA C 146 1.06 36.18 -14.22
CA ALA C 146 -0.23 36.83 -14.45
C ALA C 146 -0.42 37.21 -15.92
N ILE C 147 -1.46 36.70 -16.57
CA ILE C 147 -1.70 36.95 -17.98
C ILE C 147 -2.93 37.80 -18.19
N PRO C 148 -2.80 38.93 -18.90
CA PRO C 148 -4.04 39.61 -19.34
C PRO C 148 -4.87 38.76 -20.32
N GLU C 149 -6.18 38.82 -20.09
CA GLU C 149 -7.16 38.19 -20.96
C GLU C 149 -7.18 38.84 -22.32
N LEU C 150 -7.49 38.03 -23.32
CA LEU C 150 -7.78 38.45 -24.70
C LEU C 150 -6.61 39.02 -25.45
N ARG C 151 -5.41 38.76 -24.99
CA ARG C 151 -4.21 39.22 -25.67
C ARG C 151 -3.52 38.00 -26.23
N THR C 152 -2.85 38.20 -27.35
CA THR C 152 -2.33 37.11 -28.15
C THR C 152 -1.01 36.59 -27.59
N PRO C 153 -0.66 35.32 -27.86
CA PRO C 153 0.70 34.83 -27.62
C PRO C 153 1.77 35.77 -28.16
N GLU C 154 1.52 36.24 -29.37
CA GLU C 154 2.36 37.18 -30.06
C GLU C 154 2.71 38.39 -29.17
N GLU C 155 1.74 38.98 -28.46
CA GLU C 155 2.02 40.15 -27.62
C GLU C 155 2.59 39.84 -26.22
N LEU C 156 2.43 38.61 -25.70
CA LEU C 156 2.78 38.34 -24.31
C LEU C 156 3.99 37.46 -24.10
N ASN C 157 4.38 36.67 -25.08
CA ASN C 157 5.35 35.62 -24.83
C ASN C 157 6.74 36.22 -24.87
N PRO C 158 7.71 35.71 -24.09
CA PRO C 158 7.50 34.65 -23.10
C PRO C 158 6.78 35.20 -21.85
N ILE C 159 6.00 34.37 -21.18
CA ILE C 159 5.32 34.83 -19.96
C ILE C 159 6.32 34.84 -18.79
N ILE C 160 6.33 35.97 -18.09
CA ILE C 160 7.28 36.23 -17.03
C ILE C 160 6.81 35.55 -15.75
N VAL C 161 7.69 34.69 -15.23
CA VAL C 161 7.49 34.02 -13.95
C VAL C 161 8.38 34.62 -12.85
N THR C 162 7.83 34.73 -11.63
CA THR C 162 8.45 35.45 -10.49
C THR C 162 8.47 34.55 -9.26
N PRO C 163 9.59 34.30 -8.60
CA PRO C 163 10.92 34.37 -9.19
C PRO C 163 11.02 33.49 -10.47
N PRO C 164 12.11 33.61 -11.22
CA PRO C 164 12.27 32.77 -12.41
C PRO C 164 12.41 31.28 -12.08
N ILE C 165 11.85 30.45 -12.94
CA ILE C 165 11.89 29.02 -12.73
C ILE C 165 13.29 28.57 -13.09
N GLN C 166 13.84 27.71 -12.23
CA GLN C 166 15.28 27.51 -12.17
C GLN C 166 15.52 26.37 -11.20
N ALA C 167 16.17 25.31 -11.67
CA ALA C 167 16.54 24.22 -10.78
C ALA C 167 18.00 23.82 -10.99
N ILE C 168 18.62 23.27 -9.94
CA ILE C 168 20.01 22.79 -10.05
C ILE C 168 20.13 21.47 -9.31
N ASP C 169 21.15 20.70 -9.68
CA ASP C 169 21.47 19.42 -9.01
C ASP C 169 21.76 19.66 -7.53
N GLN C 170 21.21 18.84 -6.63
CA GLN C 170 21.60 18.96 -5.22
C GLN C 170 23.02 18.44 -5.04
N ASP C 171 23.48 17.59 -5.96
CA ASP C 171 24.85 17.11 -5.96
C ASP C 171 25.72 18.21 -6.55
N ARG C 172 26.45 18.90 -5.68
CA ARG C 172 27.18 20.11 -6.06
C ARG C 172 28.57 19.84 -6.61
N ASN C 173 29.14 18.65 -6.39
CA ASN C 173 30.53 18.40 -6.76
C ASN C 173 30.77 17.05 -7.50
N ILE C 174 29.87 16.70 -8.40
CA ILE C 174 30.08 15.53 -9.25
C ILE C 174 31.32 15.74 -10.10
N GLN C 175 32.19 14.72 -10.14
CA GLN C 175 33.40 14.74 -10.98
C GLN C 175 33.47 13.48 -11.80
N PRO C 176 33.93 13.50 -13.05
CA PRO C 176 34.29 14.71 -13.79
C PRO C 176 33.02 15.45 -14.22
N PRO C 177 33.17 16.72 -14.68
CA PRO C 177 31.97 17.46 -15.16
C PRO C 177 31.13 16.78 -16.29
N SER C 178 31.77 16.01 -17.19
CA SER C 178 31.02 15.26 -18.21
C SER C 178 30.00 14.24 -17.65
N ASP C 179 30.13 13.85 -16.39
CA ASP C 179 29.16 12.99 -15.72
C ASP C 179 27.90 13.73 -15.18
N ARG C 180 27.87 15.05 -15.25
CA ARG C 180 26.75 15.78 -14.69
C ARG C 180 25.50 15.70 -15.57
N PRO C 181 24.35 15.35 -14.99
CA PRO C 181 23.16 15.32 -15.80
C PRO C 181 22.67 16.71 -16.19
N GLY C 182 21.84 16.80 -17.22
CA GLY C 182 21.03 18.00 -17.47
C GLY C 182 19.71 17.89 -16.72
N ILE C 183 18.95 18.95 -16.77
CA ILE C 183 17.66 18.99 -16.13
C ILE C 183 16.56 19.20 -17.15
N LEU C 184 15.46 18.48 -16.96
CA LEU C 184 14.27 18.60 -17.78
C LEU C 184 13.13 19.14 -16.95
N TYR C 185 12.52 20.22 -17.44
CA TYR C 185 11.41 20.91 -16.81
C TYR C 185 10.14 20.50 -17.53
N SER C 186 9.05 20.35 -16.82
CA SER C 186 7.76 20.05 -17.44
C SER C 186 6.59 20.41 -16.52
N ILE C 187 5.41 20.49 -17.12
CA ILE C 187 4.19 20.64 -16.37
C ILE C 187 3.66 19.25 -16.13
N LEU C 188 3.61 18.84 -14.88
CA LEU C 188 3.24 17.46 -14.52
C LEU C 188 1.75 17.29 -14.58
N VAL C 189 1.04 18.16 -13.87
CA VAL C 189 -0.41 18.12 -13.71
C VAL C 189 -0.91 19.53 -13.47
N GLY C 190 -2.21 19.73 -13.61
CA GLY C 190 -2.76 21.04 -13.39
C GLY C 190 -4.24 21.12 -13.40
N THR C 191 -4.75 22.22 -12.86
CA THR C 191 -6.19 22.48 -12.82
C THR C 191 -6.45 23.94 -13.24
N PRO C 192 -7.45 24.24 -14.06
CA PRO C 192 -8.35 23.25 -14.72
C PRO C 192 -7.65 22.37 -15.74
N GLU C 193 -8.26 21.24 -16.07
CA GLU C 193 -7.58 20.16 -16.80
C GLU C 193 -7.19 20.48 -18.27
N ASP C 194 -7.78 21.52 -18.84
CA ASP C 194 -7.47 21.99 -20.22
C ASP C 194 -6.29 22.97 -20.34
N TYR C 195 -5.45 23.04 -19.33
CA TYR C 195 -4.20 23.82 -19.37
C TYR C 195 -3.27 23.52 -20.54
N PRO C 196 -3.17 22.25 -21.03
CA PRO C 196 -2.22 22.04 -22.14
C PRO C 196 -2.60 22.76 -23.42
N ARG C 197 -3.88 23.10 -23.55
CA ARG C 197 -4.35 23.93 -24.63
C ARG C 197 -3.79 25.35 -24.65
N PHE C 198 -3.50 25.89 -23.46
CA PHE C 198 -3.03 27.27 -23.27
C PHE C 198 -1.55 27.44 -22.94
N PHE C 199 -0.89 26.45 -22.37
CA PHE C 199 0.49 26.62 -21.93
C PHE C 199 1.44 25.54 -22.40
N HIS C 200 2.65 25.96 -22.78
CA HIS C 200 3.73 25.04 -23.13
C HIS C 200 4.94 25.48 -22.30
N MET C 201 5.62 24.52 -21.68
CA MET C 201 6.89 24.77 -20.98
C MET C 201 8.06 24.20 -21.79
N HIS C 202 9.10 24.98 -22.00
CA HIS C 202 10.29 24.49 -22.69
C HIS C 202 11.01 23.49 -21.75
N PRO C 203 11.35 22.31 -22.27
CA PRO C 203 11.97 21.30 -21.38
C PRO C 203 13.34 21.65 -20.80
N ARG C 204 14.09 22.52 -21.47
CA ARG C 204 15.44 22.87 -21.03
C ARG C 204 15.57 24.24 -20.36
N THR C 205 14.80 25.23 -20.80
CA THR C 205 14.84 26.57 -20.24
C THR C 205 13.73 26.89 -19.25
N ALA C 206 12.70 26.05 -19.14
CA ALA C 206 11.51 26.40 -18.36
C ALA C 206 10.70 27.61 -18.86
N GLU C 207 10.98 28.10 -20.04
CA GLU C 207 10.27 29.24 -20.59
C GLU C 207 8.81 28.88 -20.79
N LEU C 208 7.90 29.73 -20.38
CA LEU C 208 6.47 29.44 -20.41
C LEU C 208 5.86 30.19 -21.60
N SER C 209 5.09 29.51 -22.42
CA SER C 209 4.43 30.14 -23.59
C SER C 209 2.93 30.03 -23.54
N LEU C 210 2.27 31.16 -23.75
CA LEU C 210 0.84 31.13 -24.01
C LEU C 210 0.66 30.65 -25.45
N LEU C 211 -0.26 29.73 -25.68
CA LEU C 211 -0.55 29.18 -27.01
C LEU C 211 -1.79 29.77 -27.68
N GLU C 212 -2.61 30.47 -26.92
CA GLU C 212 -3.92 30.90 -27.37
C GLU C 212 -4.40 31.97 -26.40
N PRO C 213 -5.10 33.01 -26.90
CA PRO C 213 -5.69 33.98 -25.95
C PRO C 213 -6.58 33.30 -24.94
N VAL C 214 -6.62 33.85 -23.73
CA VAL C 214 -7.46 33.35 -22.65
C VAL C 214 -8.61 34.30 -22.44
N ASN C 215 -9.81 33.75 -22.26
CA ASN C 215 -11.03 34.50 -21.99
C ASN C 215 -11.38 34.27 -20.53
N ARG C 216 -11.46 35.34 -19.76
CA ARG C 216 -11.71 35.24 -18.32
C ARG C 216 -13.12 34.76 -17.96
N ASP C 217 -14.05 34.82 -18.90
CA ASP C 217 -15.35 34.17 -18.73
C ASP C 217 -15.24 32.63 -18.62
N PHE C 218 -14.22 32.02 -19.23
CA PHE C 218 -14.03 30.57 -19.14
C PHE C 218 -12.87 30.12 -18.22
N HIS C 219 -11.87 30.97 -17.98
CA HIS C 219 -10.69 30.60 -17.15
C HIS C 219 -10.25 31.80 -16.33
N GLN C 220 -10.32 31.70 -15.02
CA GLN C 220 -9.88 32.80 -14.11
C GLN C 220 -8.51 32.59 -13.49
N LYS C 221 -8.06 31.35 -13.39
CA LYS C 221 -6.75 30.99 -12.83
C LYS C 221 -6.32 29.59 -13.25
N PHE C 222 -5.02 29.35 -13.27
CA PHE C 222 -4.46 28.01 -13.44
C PHE C 222 -3.56 27.68 -12.26
N ASP C 223 -3.65 26.46 -11.75
CA ASP C 223 -2.78 25.99 -10.66
C ASP C 223 -2.06 24.75 -11.14
N LEU C 224 -0.79 24.89 -11.46
CA LEU C 224 0.00 23.81 -12.04
C LEU C 224 1.08 23.26 -11.09
N VAL C 225 1.47 22.01 -11.30
CA VAL C 225 2.62 21.44 -10.61
C VAL C 225 3.68 21.25 -11.70
N ILE C 226 4.85 21.85 -11.43
CA ILE C 226 6.03 21.81 -12.27
C ILE C 226 7.01 20.77 -11.74
N LYS C 227 7.64 20.05 -12.65
CA LYS C 227 8.62 19.02 -12.32
C LYS C 227 9.98 19.36 -12.93
N ALA C 228 11.02 19.16 -12.12
CA ALA C 228 12.39 19.22 -12.56
C ALA C 228 12.99 17.86 -12.27
N GLU C 229 13.55 17.23 -13.29
CA GLU C 229 14.20 15.93 -13.14
C GLU C 229 15.47 15.82 -13.93
N GLN C 230 16.30 14.86 -13.55
CA GLN C 230 17.55 14.59 -14.24
C GLN C 230 17.31 13.83 -15.54
N ASP C 231 18.08 14.15 -16.57
CA ASP C 231 17.96 13.48 -17.89
C ASP C 231 18.78 12.20 -18.09
N ASN C 232 19.39 11.65 -17.02
CA ASN C 232 20.36 10.53 -17.12
C ASN C 232 19.80 9.15 -16.82
N GLY C 233 18.48 8.97 -16.87
CA GLY C 233 17.84 7.73 -16.42
C GLY C 233 17.58 7.62 -14.91
N HIS C 234 17.99 8.61 -14.12
CA HIS C 234 17.77 8.61 -12.64
C HIS C 234 17.09 9.94 -12.26
N PRO C 235 15.82 10.05 -12.66
CA PRO C 235 15.12 11.35 -12.62
C PRO C 235 15.16 12.07 -11.25
N LEU C 236 14.84 11.32 -10.17
CA LEU C 236 14.85 11.87 -8.80
C LEU C 236 14.19 13.25 -8.73
N PRO C 237 12.95 13.32 -9.18
CA PRO C 237 12.34 14.61 -9.45
C PRO C 237 12.03 15.47 -8.21
N ALA C 238 12.11 16.78 -8.42
CA ALA C 238 11.59 17.81 -7.54
C ALA C 238 10.35 18.43 -8.16
N PHE C 239 9.49 18.98 -7.31
CA PHE C 239 8.20 19.56 -7.72
C PHE C 239 8.01 20.93 -7.14
N ALA C 240 7.37 21.83 -7.88
CA ALA C 240 7.01 23.15 -7.35
C ALA C 240 5.64 23.53 -7.91
N GLY C 241 5.03 24.50 -7.28
CA GLY C 241 3.77 25.03 -7.80
C GLY C 241 4.03 26.16 -8.79
N LEU C 242 3.08 26.32 -9.73
CA LEU C 242 3.01 27.51 -10.58
C LEU C 242 1.56 27.99 -10.60
N HIS C 243 1.31 29.15 -10.02
CA HIS C 243 -0.03 29.74 -10.02
C HIS C 243 -0.04 30.81 -11.10
N ILE C 244 -1.05 30.79 -11.96
CA ILE C 244 -1.19 31.78 -13.05
C ILE C 244 -2.52 32.49 -12.88
N GLU C 245 -2.51 33.81 -12.66
CA GLU C 245 -3.76 34.61 -12.56
C GLU C 245 -4.13 35.13 -13.93
N ILE C 246 -5.41 35.20 -14.24
CA ILE C 246 -5.88 35.77 -15.48
C ILE C 246 -6.55 37.11 -15.16
N LEU C 247 -5.98 38.22 -15.65
CA LEU C 247 -6.41 39.59 -15.32
C LEU C 247 -7.33 40.20 -16.41
N ASP C 248 -7.88 41.41 -16.19
CA ASP C 248 -8.57 42.20 -17.26
C ASP C 248 -7.72 42.78 -18.42
N THR D 7 -49.26 16.37 -9.81
CA THR D 7 -49.08 17.31 -8.65
C THR D 7 -48.51 16.65 -7.35
N PHE D 8 -47.19 16.81 -7.10
CA PHE D 8 -46.51 16.33 -5.85
C PHE D 8 -46.47 17.34 -4.71
N LYS D 9 -46.69 16.90 -3.46
CA LYS D 9 -46.73 17.81 -2.29
C LYS D 9 -45.39 18.53 -1.96
N HIS D 10 -44.25 17.88 -2.20
CA HIS D 10 -42.91 18.45 -1.91
C HIS D 10 -42.14 18.40 -3.25
N GLU D 11 -41.18 19.31 -3.47
CA GLU D 11 -40.44 19.40 -4.74
C GLU D 11 -39.47 18.23 -5.00
N SER D 12 -39.02 17.62 -3.91
CA SER D 12 -38.14 16.46 -3.89
C SER D 12 -38.18 15.76 -2.52
N TYR D 13 -37.70 14.52 -2.51
CA TYR D 13 -37.78 13.67 -1.34
C TYR D 13 -36.43 13.05 -1.07
N TYR D 14 -36.32 12.49 0.13
CA TYR D 14 -35.04 12.00 0.63
C TYR D 14 -35.20 10.72 1.48
N ALA D 15 -34.36 9.71 1.22
CA ALA D 15 -34.27 8.57 2.12
C ALA D 15 -32.82 8.13 2.35
N THR D 16 -32.58 7.49 3.49
CA THR D 16 -31.31 6.81 3.71
C THR D 16 -31.57 5.31 3.76
N VAL D 17 -30.59 4.52 3.33
CA VAL D 17 -30.67 3.07 3.42
C VAL D 17 -29.31 2.47 3.83
N ASN D 18 -29.27 1.67 4.91
CA ASN D 18 -28.04 0.96 5.28
C ASN D 18 -27.65 0.03 4.14
N GLU D 19 -26.35 -0.05 3.84
CA GLU D 19 -25.88 -0.86 2.70
C GLU D 19 -26.13 -2.37 2.87
N LEU D 20 -26.32 -2.82 4.12
CA LEU D 20 -26.62 -4.21 4.39
C LEU D 20 -28.09 -4.60 4.23
N THR D 21 -29.00 -3.63 4.03
CA THR D 21 -30.41 -3.91 3.88
C THR D 21 -30.65 -4.96 2.83
N PRO D 22 -31.23 -6.10 3.20
CA PRO D 22 -31.58 -7.14 2.24
C PRO D 22 -32.47 -6.68 1.10
N VAL D 23 -32.25 -7.29 -0.07
CA VAL D 23 -33.15 -7.19 -1.21
C VAL D 23 -34.57 -7.50 -0.75
N GLY D 24 -35.54 -6.78 -1.27
CA GLY D 24 -36.94 -7.02 -0.91
C GLY D 24 -37.48 -6.10 0.17
N THR D 25 -36.60 -5.48 0.95
CA THR D 25 -37.00 -4.55 1.97
C THR D 25 -37.62 -3.27 1.36
N THR D 26 -38.66 -2.77 2.02
CA THR D 26 -39.29 -1.51 1.68
C THR D 26 -38.45 -0.40 2.31
N ILE D 27 -37.97 0.54 1.50
CA ILE D 27 -37.01 1.58 1.96
C ILE D 27 -37.52 3.03 1.94
N PHE D 28 -38.72 3.25 1.43
CA PHE D 28 -39.33 4.59 1.45
C PHE D 28 -40.86 4.43 1.34
N THR D 29 -41.57 5.10 2.24
CA THR D 29 -43.03 5.03 2.30
C THR D 29 -43.68 6.41 2.23
N GLY D 30 -42.91 7.43 1.88
CA GLY D 30 -43.34 8.81 2.00
C GLY D 30 -44.34 9.32 0.99
N PHE D 31 -44.76 8.48 0.04
CA PHE D 31 -45.92 8.81 -0.79
C PHE D 31 -47.22 8.30 -0.17
N SER D 32 -47.13 7.44 0.87
CA SER D 32 -48.31 6.96 1.59
C SER D 32 -48.80 8.07 2.54
N GLY D 33 -50.11 8.13 2.76
CA GLY D 33 -50.74 9.25 3.49
C GLY D 33 -51.16 10.28 2.45
N ASP D 34 -51.30 11.55 2.84
CA ASP D 34 -51.54 12.68 1.89
C ASP D 34 -50.24 13.24 1.26
N ASN D 35 -49.15 12.48 1.30
CA ASN D 35 -47.78 13.03 1.18
C ASN D 35 -47.14 12.91 -0.23
N GLY D 36 -47.88 12.33 -1.21
CA GLY D 36 -47.41 12.18 -2.61
C GLY D 36 -48.16 13.04 -3.62
N ALA D 37 -49.30 12.54 -4.12
CA ALA D 37 -50.13 13.25 -5.11
C ALA D 37 -51.63 13.26 -4.74
N THR D 38 -52.33 14.40 -4.93
CA THR D 38 -53.81 14.52 -4.68
C THR D 38 -54.58 15.26 -5.79
N ILE D 48 -54.13 7.06 -8.29
CA ILE D 48 -52.84 7.50 -8.82
C ILE D 48 -51.81 6.35 -8.88
N GLU D 49 -51.21 6.17 -10.08
CA GLU D 49 -50.29 5.10 -10.39
C GLU D 49 -48.80 5.60 -10.36
N TYR D 50 -47.98 5.08 -9.42
CA TYR D 50 -46.55 5.44 -9.32
C TYR D 50 -45.63 4.42 -10.01
N VAL D 51 -44.78 4.90 -10.92
CA VAL D 51 -43.80 4.04 -11.61
C VAL D 51 -42.42 4.74 -11.72
N ILE D 52 -41.35 3.96 -11.70
CA ILE D 52 -39.98 4.49 -11.73
C ILE D 52 -39.47 4.65 -13.18
N GLN D 53 -38.90 5.80 -13.49
CA GLN D 53 -38.33 6.09 -14.81
C GLN D 53 -36.86 5.81 -14.86
N TYR D 54 -36.38 5.42 -16.04
CA TYR D 54 -34.97 5.47 -16.32
C TYR D 54 -34.50 6.91 -16.20
N ASN D 55 -33.48 7.13 -15.38
CA ASN D 55 -32.84 8.43 -15.20
C ASN D 55 -31.55 8.48 -16.04
N PRO D 56 -31.53 9.24 -17.15
CA PRO D 56 -30.28 9.29 -17.98
C PRO D 56 -29.03 9.70 -17.21
N ASP D 57 -29.19 10.64 -16.26
CA ASP D 57 -28.09 11.13 -15.43
C ASP D 57 -27.62 10.16 -14.34
N ASP D 58 -28.46 9.18 -13.96
CA ASP D 58 -28.11 8.10 -13.01
C ASP D 58 -28.68 6.74 -13.46
N PRO D 59 -28.04 6.11 -14.49
CA PRO D 59 -28.66 4.98 -15.19
C PRO D 59 -29.03 3.77 -14.31
N THR D 60 -28.21 3.50 -13.30
CA THR D 60 -28.32 2.38 -12.41
C THR D 60 -29.50 2.48 -11.40
N SER D 61 -30.11 3.67 -11.21
CA SER D 61 -31.12 3.83 -10.16
C SER D 61 -32.42 3.06 -10.38
N ASN D 62 -32.91 3.01 -11.61
CA ASN D 62 -34.12 2.21 -11.91
C ASN D 62 -33.92 0.66 -11.86
N ASP D 63 -32.68 0.19 -11.94
CA ASP D 63 -32.34 -1.24 -11.70
C ASP D 63 -32.28 -1.54 -10.20
N THR D 64 -31.87 -0.56 -9.37
CA THR D 64 -31.63 -0.77 -7.96
C THR D 64 -32.91 -0.62 -7.10
N PHE D 65 -33.89 0.17 -7.56
CA PHE D 65 -35.13 0.37 -6.83
C PHE D 65 -36.37 0.11 -7.69
N GLU D 66 -37.43 -0.39 -7.06
CA GLU D 66 -38.68 -0.73 -7.75
C GLU D 66 -39.91 -0.37 -6.93
N ILE D 67 -41.02 -0.14 -7.63
CA ILE D 67 -42.32 0.01 -6.99
C ILE D 67 -43.18 -1.19 -7.41
N PRO D 68 -43.28 -2.23 -6.55
CA PRO D 68 -44.06 -3.41 -6.94
C PRO D 68 -45.58 -3.19 -6.94
N LEU D 69 -46.08 -2.42 -5.97
CA LEU D 69 -47.51 -2.08 -5.90
C LEU D 69 -47.71 -0.66 -6.40
N MET D 70 -48.11 -0.54 -7.67
CA MET D 70 -48.11 0.77 -8.38
C MET D 70 -49.04 1.81 -7.71
N LEU D 71 -50.11 1.36 -7.04
CA LEU D 71 -51.06 2.25 -6.36
C LEU D 71 -50.61 2.86 -5.01
N THR D 72 -49.69 2.23 -4.26
CA THR D 72 -49.19 2.79 -2.97
C THR D 72 -47.89 3.62 -3.08
N GLY D 73 -47.14 3.38 -4.14
CA GLY D 73 -45.90 4.13 -4.42
C GLY D 73 -44.74 3.84 -3.47
N ASN D 74 -44.79 2.72 -2.75
CA ASN D 74 -43.73 2.35 -1.83
C ASN D 74 -42.57 1.76 -2.61
N ILE D 75 -41.36 2.10 -2.19
CA ILE D 75 -40.15 1.73 -2.91
C ILE D 75 -39.40 0.63 -2.16
N VAL D 76 -39.04 -0.40 -2.91
CA VAL D 76 -38.47 -1.62 -2.40
C VAL D 76 -37.10 -1.78 -3.06
N LEU D 77 -36.12 -2.21 -2.28
CA LEU D 77 -34.77 -2.38 -2.78
C LEU D 77 -34.71 -3.61 -3.64
N ARG D 78 -34.18 -3.48 -4.86
CA ARG D 78 -34.19 -4.56 -5.86
C ARG D 78 -32.83 -5.23 -6.13
N LYS D 79 -31.74 -4.48 -6.01
CA LYS D 79 -30.38 -4.99 -6.04
C LYS D 79 -29.68 -4.66 -4.74
N ARG D 80 -28.66 -5.45 -4.46
CA ARG D 80 -27.86 -5.30 -3.28
C ARG D 80 -26.95 -4.09 -3.42
N LEU D 81 -26.89 -3.29 -2.35
CA LEU D 81 -26.09 -2.06 -2.33
C LEU D 81 -24.64 -2.29 -1.96
N ASN D 82 -23.80 -1.32 -2.29
CA ASN D 82 -22.38 -1.36 -1.93
C ASN D 82 -21.81 0.04 -1.78
N TYR D 83 -21.71 0.48 -0.52
CA TYR D 83 -21.15 1.78 -0.15
C TYR D 83 -19.83 2.04 -0.85
N GLU D 84 -18.99 1.02 -0.98
CA GLU D 84 -17.72 1.18 -1.66
C GLU D 84 -17.81 1.53 -3.17
N ASP D 85 -18.89 1.15 -3.84
CA ASP D 85 -19.09 1.44 -5.29
C ASP D 85 -19.91 2.69 -5.54
N LYS D 86 -20.94 2.91 -4.74
CA LYS D 86 -21.90 4.00 -4.97
C LYS D 86 -22.65 4.36 -3.67
N THR D 87 -22.66 5.65 -3.33
CA THR D 87 -23.34 6.14 -2.12
C THR D 87 -24.60 6.96 -2.32
N ARG D 88 -24.88 7.39 -3.56
CA ARG D 88 -26.05 8.21 -3.84
C ARG D 88 -26.80 7.81 -5.12
N TYR D 89 -28.12 7.76 -5.02
CA TYR D 89 -28.96 7.40 -6.13
C TYR D 89 -29.97 8.51 -6.33
N PHE D 90 -30.20 8.86 -7.59
CA PHE D 90 -31.28 9.77 -7.96
C PHE D 90 -32.34 8.94 -8.65
N VAL D 91 -33.45 8.72 -7.94
CA VAL D 91 -34.55 7.92 -8.45
C VAL D 91 -35.64 8.85 -8.96
N ILE D 92 -35.95 8.76 -10.25
CA ILE D 92 -37.06 9.54 -10.80
C ILE D 92 -38.36 8.74 -10.67
N ILE D 93 -39.34 9.28 -9.95
CA ILE D 93 -40.66 8.66 -9.86
C ILE D 93 -41.69 9.50 -10.59
N GLN D 94 -42.50 8.85 -11.43
CA GLN D 94 -43.60 9.47 -12.19
C GLN D 94 -44.96 9.06 -11.61
N ALA D 95 -45.91 9.98 -11.55
CA ALA D 95 -47.29 9.65 -11.17
C ALA D 95 -48.15 9.98 -12.36
N ASN D 96 -49.10 9.11 -12.72
CA ASN D 96 -50.22 9.52 -13.60
C ASN D 96 -51.62 9.10 -13.12
N ASP D 97 -52.65 9.63 -13.79
CA ASP D 97 -54.03 9.13 -13.69
C ASP D 97 -54.43 8.30 -14.94
N ARG D 98 -54.66 6.99 -14.72
CA ARG D 98 -55.36 6.09 -15.66
C ARG D 98 -56.89 6.20 -15.51
N ALA D 99 -57.37 6.95 -14.50
CA ALA D 99 -58.77 7.40 -14.43
C ALA D 99 -59.01 8.26 -15.69
N GLN D 100 -60.02 7.88 -16.45
CA GLN D 100 -60.19 8.39 -17.80
C GLN D 100 -60.51 9.88 -17.75
N ASN D 101 -59.58 10.74 -18.15
CA ASN D 101 -59.91 12.15 -18.42
C ASN D 101 -60.09 12.26 -19.94
N LEU D 102 -60.46 13.44 -20.43
CA LEU D 102 -60.75 13.62 -21.87
C LEU D 102 -59.69 13.03 -22.87
N ASN D 103 -58.48 13.59 -22.96
CA ASN D 103 -57.44 13.09 -23.94
C ASN D 103 -56.06 12.78 -23.37
N GLU D 104 -55.37 13.81 -22.88
CA GLU D 104 -54.03 13.66 -22.32
C GLU D 104 -54.14 13.01 -20.95
N ARG D 105 -53.10 12.25 -20.57
CA ARG D 105 -52.98 11.68 -19.23
C ARG D 105 -52.24 12.70 -18.36
N ARG D 106 -52.78 12.94 -17.16
CA ARG D 106 -52.14 13.80 -16.14
C ARG D 106 -50.82 13.20 -15.57
N THR D 107 -49.66 13.79 -15.94
CA THR D 107 -48.28 13.28 -15.62
C THR D 107 -47.48 14.27 -14.75
N THR D 108 -46.75 13.77 -13.74
CA THR D 108 -45.81 14.61 -12.94
C THR D 108 -44.65 13.77 -12.36
N THR D 109 -43.42 14.25 -12.51
CA THR D 109 -42.25 13.53 -12.00
C THR D 109 -41.72 14.21 -10.72
N THR D 110 -40.95 13.45 -9.93
CA THR D 110 -40.16 13.99 -8.83
C THR D 110 -38.93 13.13 -8.63
N THR D 111 -37.93 13.72 -8.00
CA THR D 111 -36.66 13.06 -7.74
C THR D 111 -36.61 12.64 -6.26
N LEU D 112 -36.39 11.36 -6.03
CA LEU D 112 -36.03 10.85 -4.70
C LEU D 112 -34.53 10.63 -4.64
N THR D 113 -33.87 11.41 -3.80
CA THR D 113 -32.45 11.20 -3.55
C THR D 113 -32.30 10.14 -2.46
N VAL D 114 -31.53 9.09 -2.74
CA VAL D 114 -31.29 8.03 -1.76
C VAL D 114 -29.80 7.94 -1.39
N ASP D 115 -29.47 8.23 -0.13
CA ASP D 115 -28.10 8.09 0.36
C ASP D 115 -27.90 6.75 1.04
N VAL D 116 -26.86 6.04 0.61
CA VAL D 116 -26.47 4.77 1.23
C VAL D 116 -25.64 5.05 2.50
N LEU D 117 -25.99 4.40 3.60
CA LEU D 117 -25.22 4.52 4.85
C LEU D 117 -24.24 3.35 4.93
N ASP D 118 -22.99 3.66 5.28
CA ASP D 118 -21.93 2.64 5.36
C ASP D 118 -22.29 1.64 6.45
N GLY D 119 -22.25 0.34 6.10
CA GLY D 119 -22.47 -0.77 7.02
C GLY D 119 -21.23 -1.62 7.22
N ASP D 120 -21.25 -2.39 8.31
CA ASP D 120 -20.13 -3.26 8.70
C ASP D 120 -20.09 -4.56 7.93
N ASP D 121 -19.63 -4.45 6.69
CA ASP D 121 -19.45 -5.61 5.78
C ASP D 121 -18.00 -5.91 5.50
N LEU D 122 -17.09 -5.07 6.00
CA LEU D 122 -15.64 -5.29 5.90
C LEU D 122 -14.95 -5.25 7.26
N GLY D 123 -13.86 -5.98 7.33
CA GLY D 123 -13.03 -6.09 8.52
C GLY D 123 -11.82 -5.18 8.35
N PRO D 124 -10.80 -5.38 9.18
CA PRO D 124 -9.64 -4.52 9.12
C PRO D 124 -8.71 -4.72 7.90
N MET D 125 -7.78 -3.76 7.76
CA MET D 125 -6.65 -3.86 6.90
C MET D 125 -5.41 -3.39 7.67
N PHE D 126 -4.30 -4.11 7.50
CA PHE D 126 -3.02 -3.67 8.06
C PHE D 126 -2.44 -2.57 7.17
N LEU D 127 -1.65 -1.69 7.79
CA LEU D 127 -0.97 -0.62 7.09
C LEU D 127 0.52 -0.88 7.18
N PRO D 128 1.30 -0.56 6.16
CA PRO D 128 0.82 -0.01 4.88
C PRO D 128 0.05 -1.01 4.02
N CYS D 129 -0.90 -0.50 3.27
CA CYS D 129 -1.68 -1.21 2.27
C CYS D 129 -1.32 -0.56 0.95
N VAL D 130 -0.45 -1.20 0.19
CA VAL D 130 -0.14 -0.78 -1.18
C VAL D 130 -0.99 -1.63 -2.09
N LEU D 131 -1.85 -1.05 -2.90
CA LEU D 131 -2.73 -1.89 -3.74
C LEU D 131 -1.96 -2.67 -4.80
N VAL D 132 -2.31 -3.94 -4.95
CA VAL D 132 -1.83 -4.73 -6.10
C VAL D 132 -2.44 -4.22 -7.41
N PRO D 133 -1.61 -3.89 -8.42
CA PRO D 133 -2.16 -3.41 -9.69
C PRO D 133 -3.41 -4.18 -10.17
N ASN D 134 -4.48 -3.44 -10.46
CA ASN D 134 -5.76 -3.94 -10.96
C ASN D 134 -6.57 -4.80 -10.02
N THR D 135 -6.43 -4.53 -8.72
CA THR D 135 -7.20 -5.21 -7.69
C THR D 135 -7.59 -4.19 -6.68
N ARG D 136 -8.48 -4.54 -5.75
CA ARG D 136 -8.63 -3.75 -4.53
C ARG D 136 -7.94 -4.42 -3.33
N ASP D 137 -6.92 -5.24 -3.56
CA ASP D 137 -6.32 -6.06 -2.51
C ASP D 137 -4.96 -5.49 -2.11
N CYS D 138 -4.68 -5.40 -0.82
CA CYS D 138 -3.37 -5.01 -0.36
C CYS D 138 -2.30 -6.01 -0.77
N ARG D 139 -1.18 -5.52 -1.24
CA ARG D 139 0.02 -6.33 -1.40
C ARG D 139 0.36 -6.92 -0.03
N PRO D 140 0.59 -8.23 0.06
CA PRO D 140 1.11 -8.89 1.24
C PRO D 140 2.22 -8.21 1.95
N LEU D 141 2.15 -8.29 3.27
CA LEU D 141 2.90 -7.44 4.16
C LEU D 141 3.59 -8.30 5.16
N THR D 142 4.88 -8.12 5.33
CA THR D 142 5.64 -8.83 6.34
C THR D 142 6.35 -7.80 7.20
N TYR D 143 5.83 -7.58 8.40
CA TYR D 143 6.48 -6.70 9.37
C TYR D 143 7.83 -7.34 9.80
N GLN D 144 8.80 -6.53 10.23
CA GLN D 144 10.13 -7.03 10.63
C GLN D 144 10.57 -6.56 12.03
N ALA D 145 11.25 -7.45 12.74
CA ALA D 145 11.87 -7.09 14.02
C ALA D 145 13.18 -7.82 14.13
N ALA D 146 14.06 -7.37 15.02
CA ALA D 146 15.35 -8.04 15.25
C ALA D 146 15.75 -7.97 16.75
N ILE D 147 15.95 -9.10 17.39
CA ILE D 147 16.26 -9.14 18.81
C ILE D 147 17.68 -9.63 19.04
N PRO D 148 18.49 -8.86 19.79
CA PRO D 148 19.77 -9.45 20.24
C PRO D 148 19.57 -10.63 21.19
N GLU D 149 20.40 -11.65 20.98
CA GLU D 149 20.45 -12.82 21.84
C GLU D 149 20.98 -12.45 23.21
N LEU D 150 20.51 -13.19 24.21
CA LEU D 150 21.03 -13.19 25.57
C LEU D 150 20.78 -11.90 26.34
N ARG D 151 19.86 -11.06 25.85
CA ARG D 151 19.52 -9.85 26.52
C ARG D 151 18.13 -9.98 27.07
N THR D 152 17.90 -9.33 28.21
CA THR D 152 16.71 -9.52 29.01
C THR D 152 15.52 -8.76 28.42
N PRO D 153 14.28 -9.24 28.68
CA PRO D 153 13.09 -8.44 28.41
C PRO D 153 13.21 -7.02 28.94
N GLU D 154 13.71 -6.93 30.16
CA GLU D 154 13.95 -5.68 30.84
C GLU D 154 14.70 -4.68 29.95
N GLU D 155 15.77 -5.11 29.28
CA GLU D 155 16.53 -4.17 28.43
C GLU D 155 16.01 -3.93 27.02
N LEU D 156 15.14 -4.79 26.51
CA LEU D 156 14.72 -4.69 25.10
C LEU D 156 13.28 -4.26 24.86
N ASN D 157 12.41 -4.41 25.84
CA ASN D 157 11.00 -4.25 25.58
C ASN D 157 10.67 -2.77 25.60
N PRO D 158 9.68 -2.31 24.83
CA PRO D 158 8.95 -3.10 23.83
C PRO D 158 9.82 -3.38 22.60
N ILE D 159 9.61 -4.49 21.92
CA ILE D 159 10.37 -4.79 20.71
C ILE D 159 9.80 -3.98 19.54
N ILE D 160 10.75 -3.34 18.84
CA ILE D 160 10.43 -2.45 17.76
C ILE D 160 10.14 -3.21 16.49
N VAL D 161 8.93 -2.98 15.96
CA VAL D 161 8.53 -3.52 14.66
C VAL D 161 8.49 -2.44 13.57
N THR D 162 8.95 -2.79 12.36
CA THR D 162 9.17 -1.87 11.22
C THR D 162 8.44 -2.39 9.99
N PRO D 163 7.60 -1.61 9.31
CA PRO D 163 6.90 -0.47 9.90
C PRO D 163 6.09 -0.91 11.14
N PRO D 164 5.52 0.03 11.89
CA PRO D 164 4.73 -0.34 13.08
C PRO D 164 3.47 -1.11 12.74
N ILE D 165 3.12 -2.05 13.60
CA ILE D 165 1.93 -2.85 13.42
C ILE D 165 0.76 -1.99 13.77
N GLN D 166 -0.25 -2.04 12.93
CA GLN D 166 -1.28 -1.01 12.88
C GLN D 166 -2.33 -1.48 11.88
N ALA D 167 -3.58 -1.60 12.35
CA ALA D 167 -4.68 -1.93 11.45
C ALA D 167 -5.86 -1.00 11.66
N ILE D 168 -6.67 -0.81 10.62
CA ILE D 168 -7.85 0.05 10.71
C ILE D 168 -9.01 -0.62 9.98
N ASP D 169 -10.23 -0.23 10.35
CA ASP D 169 -11.44 -0.72 9.69
C ASP D 169 -11.43 -0.34 8.19
N GLN D 170 -11.77 -1.26 7.30
CA GLN D 170 -11.91 -0.86 5.90
C GLN D 170 -13.18 -0.02 5.73
N ASP D 171 -14.11 -0.18 6.65
CA ASP D 171 -15.32 0.66 6.67
C ASP D 171 -14.94 2.00 7.25
N ARG D 172 -14.83 3.00 6.38
CA ARG D 172 -14.26 4.31 6.72
C ARG D 172 -15.28 5.27 7.29
N ASN D 173 -16.58 5.04 7.11
CA ASN D 173 -17.59 6.01 7.52
C ASN D 173 -18.81 5.42 8.27
N ILE D 174 -18.56 4.48 9.17
CA ILE D 174 -19.63 3.96 10.01
C ILE D 174 -20.22 5.07 10.87
N GLN D 175 -21.54 5.18 10.91
CA GLN D 175 -22.23 6.18 11.75
C GLN D 175 -23.33 5.51 12.56
N PRO D 176 -23.59 5.89 13.80
CA PRO D 176 -22.81 6.87 14.56
C PRO D 176 -21.47 6.26 14.99
N PRO D 177 -20.51 7.08 15.46
CA PRO D 177 -19.22 6.54 15.95
C PRO D 177 -19.31 5.45 17.07
N SER D 178 -20.30 5.51 17.97
CA SER D 178 -20.49 4.47 18.98
C SER D 178 -20.73 3.05 18.40
N ASP D 179 -21.12 2.95 17.13
CA ASP D 179 -21.23 1.65 16.45
C ASP D 179 -19.90 1.06 15.94
N ARG D 180 -18.80 1.81 16.02
CA ARG D 180 -17.56 1.32 15.43
C ARG D 180 -16.90 0.26 16.29
N PRO D 181 -16.51 -0.87 15.69
CA PRO D 181 -15.82 -1.86 16.49
C PRO D 181 -14.40 -1.42 16.87
N GLY D 182 -13.84 -2.05 17.88
CA GLY D 182 -12.41 -1.99 18.12
C GLY D 182 -11.71 -3.10 17.41
N ILE D 183 -10.40 -3.08 17.47
CA ILE D 183 -9.59 -4.10 16.81
C ILE D 183 -8.79 -4.88 17.81
N LEU D 184 -8.73 -6.18 17.61
CA LEU D 184 -7.97 -7.10 18.46
C LEU D 184 -6.86 -7.73 17.64
N TYR D 185 -5.63 -7.56 18.13
CA TYR D 185 -4.40 -8.04 17.50
C TYR D 185 -3.98 -9.30 18.23
N SER D 186 -3.44 -10.26 17.49
CA SER D 186 -2.94 -11.48 18.10
C SER D 186 -1.95 -12.20 17.20
N ILE D 187 -1.19 -13.11 17.79
CA ILE D 187 -0.32 -14.00 17.03
C ILE D 187 -1.14 -15.24 16.78
N LEU D 188 -1.42 -15.51 15.51
CA LEU D 188 -2.30 -16.62 15.14
C LEU D 188 -1.56 -17.92 15.21
N VAL D 189 -0.42 -17.99 14.55
CA VAL D 189 0.35 -19.20 14.28
C VAL D 189 1.82 -18.78 14.13
N GLY D 190 2.74 -19.70 14.29
CA GLY D 190 4.12 -19.38 14.11
C GLY D 190 5.04 -20.55 14.10
N THR D 191 6.24 -20.31 13.57
CA THR D 191 7.28 -21.33 13.53
C THR D 191 8.63 -20.69 13.94
N PRO D 192 9.45 -21.35 14.77
CA PRO D 192 9.16 -22.64 15.42
C PRO D 192 8.03 -22.58 16.46
N GLU D 193 7.48 -23.74 16.79
CA GLU D 193 6.21 -23.82 17.52
C GLU D 193 6.23 -23.31 18.98
N ASP D 194 7.42 -23.17 19.57
CA ASP D 194 7.58 -22.67 20.94
C ASP D 194 7.68 -21.12 21.09
N TYR D 195 7.25 -20.40 20.06
CA TYR D 195 7.15 -18.93 20.10
C TYR D 195 6.34 -18.35 21.27
N PRO D 196 5.26 -19.03 21.75
CA PRO D 196 4.51 -18.39 22.85
C PRO D 196 5.31 -18.27 24.14
N ARG D 197 6.32 -19.11 24.29
CA ARG D 197 7.26 -19.00 25.39
C ARG D 197 8.07 -17.71 25.41
N PHE D 198 8.36 -17.16 24.23
CA PHE D 198 9.19 -15.97 24.07
C PHE D 198 8.49 -14.66 23.72
N PHE D 199 7.30 -14.72 23.12
CA PHE D 199 6.63 -13.49 22.67
C PHE D 199 5.19 -13.35 23.15
N HIS D 200 4.80 -12.15 23.54
CA HIS D 200 3.43 -11.82 23.87
C HIS D 200 3.07 -10.59 23.05
N MET D 201 1.89 -10.60 22.42
CA MET D 201 1.35 -9.43 21.71
C MET D 201 0.18 -8.83 22.53
N HIS D 202 0.19 -7.52 22.74
CA HIS D 202 -0.91 -6.86 23.42
C HIS D 202 -2.13 -6.86 22.46
N PRO D 203 -3.29 -7.29 22.96
CA PRO D 203 -4.46 -7.40 22.07
C PRO D 203 -4.97 -6.06 21.48
N ARG D 204 -4.72 -4.94 22.16
CA ARG D 204 -5.24 -3.65 21.73
C ARG D 204 -4.22 -2.73 21.06
N THR D 205 -2.97 -2.78 21.51
CA THR D 205 -1.91 -1.94 20.95
C THR D 205 -0.99 -2.65 19.95
N ALA D 206 -1.05 -3.98 19.86
CA ALA D 206 -0.05 -4.73 19.09
C ALA D 206 1.40 -4.66 19.59
N GLU D 207 1.61 -4.16 20.79
CA GLU D 207 2.95 -4.07 21.36
C GLU D 207 3.50 -5.46 21.55
N LEU D 208 4.73 -5.68 21.13
CA LEU D 208 5.34 -7.02 21.17
C LEU D 208 6.30 -7.05 22.35
N SER D 209 6.21 -8.08 23.18
CA SER D 209 7.10 -8.22 24.36
C SER D 209 7.90 -9.51 24.33
N LEU D 210 9.21 -9.37 24.54
CA LEU D 210 10.04 -10.54 24.80
C LEU D 210 9.76 -10.96 26.24
N LEU D 211 9.57 -12.26 26.46
CA LEU D 211 9.28 -12.80 27.79
C LEU D 211 10.48 -13.45 28.48
N GLU D 212 11.54 -13.70 27.74
CA GLU D 212 12.66 -14.49 28.20
C GLU D 212 13.81 -14.24 27.22
N PRO D 213 15.06 -14.19 27.70
CA PRO D 213 16.17 -14.11 26.76
C PRO D 213 16.16 -15.25 25.75
N VAL D 214 16.59 -14.95 24.54
CA VAL D 214 16.70 -15.94 23.47
C VAL D 214 18.16 -16.29 23.25
N ASN D 215 18.42 -17.58 23.09
CA ASN D 215 19.75 -18.12 22.84
C ASN D 215 19.79 -18.55 21.38
N ARG D 216 20.72 -17.98 20.63
CA ARG D 216 20.80 -18.24 19.20
C ARG D 216 21.25 -19.66 18.83
N ASP D 217 21.83 -20.38 19.78
CA ASP D 217 22.08 -21.81 19.62
C ASP D 217 20.78 -22.63 19.51
N PHE D 218 19.67 -22.17 20.09
CA PHE D 218 18.38 -22.88 19.98
C PHE D 218 17.36 -22.21 19.03
N HIS D 219 17.45 -20.90 18.79
CA HIS D 219 16.49 -20.16 17.96
C HIS D 219 17.21 -19.10 17.16
N GLN D 220 17.19 -19.21 15.83
CA GLN D 220 17.83 -18.23 14.95
C GLN D 220 16.85 -17.22 14.33
N LYS D 221 15.57 -17.57 14.23
CA LYS D 221 14.53 -16.74 13.65
C LYS D 221 13.14 -17.24 14.03
N PHE D 222 12.17 -16.33 14.04
CA PHE D 222 10.76 -16.68 14.18
C PHE D 222 9.98 -16.15 13.00
N ASP D 223 9.04 -16.93 12.49
CA ASP D 223 8.15 -16.49 11.40
C ASP D 223 6.73 -16.65 11.86
N LEU D 224 6.10 -15.52 12.18
CA LEU D 224 4.77 -15.52 12.76
C LEU D 224 3.68 -14.98 11.79
N VAL D 225 2.45 -15.38 11.99
CA VAL D 225 1.32 -14.79 11.30
C VAL D 225 0.53 -14.04 12.38
N ILE D 226 0.30 -12.76 12.12
CA ILE D 226 -0.43 -11.83 12.95
C ILE D 226 -1.83 -11.65 12.41
N LYS D 227 -2.80 -11.56 13.32
CA LYS D 227 -4.21 -11.37 13.00
C LYS D 227 -4.74 -10.08 13.59
N ALA D 228 -5.52 -9.35 12.78
CA ALA D 228 -6.29 -8.20 13.24
C ALA D 228 -7.74 -8.51 12.93
N GLU D 229 -8.58 -8.46 13.96
CA GLU D 229 -10.01 -8.69 13.78
C GLU D 229 -10.85 -7.73 14.57
N GLN D 230 -12.12 -7.62 14.18
CA GLN D 230 -13.07 -6.76 14.88
C GLN D 230 -13.55 -7.42 16.18
N ASP D 231 -13.76 -6.63 17.22
CA ASP D 231 -14.23 -7.14 18.53
C ASP D 231 -15.77 -7.23 18.71
N ASN D 232 -16.55 -7.07 17.64
CA ASN D 232 -18.02 -6.95 17.71
C ASN D 232 -18.79 -8.23 17.36
N GLY D 233 -18.17 -9.39 17.44
CA GLY D 233 -18.80 -10.65 16.98
C GLY D 233 -18.69 -10.91 15.48
N HIS D 234 -18.15 -9.99 14.68
CA HIS D 234 -18.01 -10.13 13.22
C HIS D 234 -16.54 -9.87 12.86
N PRO D 235 -15.68 -10.83 13.24
CA PRO D 235 -14.25 -10.63 13.21
C PRO D 235 -13.68 -10.16 11.84
N LEU D 236 -14.07 -10.83 10.76
CA LEU D 236 -13.65 -10.53 9.41
C LEU D 236 -12.14 -10.25 9.35
N PRO D 237 -11.35 -11.20 9.80
CA PRO D 237 -9.95 -10.93 10.07
C PRO D 237 -9.06 -10.66 8.84
N ALA D 238 -8.06 -9.81 9.06
CA ALA D 238 -6.91 -9.64 8.18
C ALA D 238 -5.68 -10.30 8.81
N PHE D 239 -4.73 -10.68 7.97
CA PHE D 239 -3.51 -11.37 8.41
C PHE D 239 -2.28 -10.72 7.80
N ALA D 240 -1.18 -10.73 8.54
CA ALA D 240 0.11 -10.24 8.05
C ALA D 240 1.21 -11.09 8.61
N GLY D 241 2.37 -11.05 7.95
CA GLY D 241 3.52 -11.75 8.48
C GLY D 241 4.28 -10.90 9.49
N LEU D 242 5.00 -11.57 10.38
CA LEU D 242 5.98 -10.94 11.26
C LEU D 242 7.22 -11.82 11.28
N HIS D 243 8.32 -11.35 10.72
CA HIS D 243 9.59 -12.07 10.74
C HIS D 243 10.45 -11.45 11.84
N ILE D 244 11.00 -12.28 12.71
CA ILE D 244 11.87 -11.80 13.82
C ILE D 244 13.24 -12.46 13.68
N GLU D 245 14.30 -11.68 13.45
CA GLU D 245 15.67 -12.21 13.36
C GLU D 245 16.30 -12.18 14.73
N ILE D 246 17.12 -13.18 15.06
CA ILE D 246 17.85 -13.20 16.32
C ILE D 246 19.32 -12.95 16.02
N LEU D 247 19.86 -11.83 16.52
CA LEU D 247 21.23 -11.37 16.21
C LEU D 247 22.24 -11.76 17.32
N ASP D 248 23.55 -11.49 17.13
CA ASP D 248 24.58 -11.60 18.20
C ASP D 248 24.55 -10.58 19.36
CA CA E . 16.38 0.75 -6.06
CA CA F . 14.80 3.21 -0.40
CA CA G . -23.35 -15.81 6.60
CA CA H . -20.43 -15.66 0.98
CA CA I . 25.77 13.06 -3.73
CA CA J . 22.40 14.28 -9.10
CA CA K . -19.20 -0.88 4.42
CA CA L . -16.16 -2.96 9.66
#